data_5FI5
#
_entry.id   5FI5
#
_cell.length_a   88.930
_cell.length_b   88.930
_cell.length_c   188.120
_cell.angle_alpha   90.000
_cell.angle_beta   90.000
_cell.angle_gamma   120.000
#
_symmetry.space_group_name_H-M   'P 31 2 1'
#
loop_
_entity.id
_entity.type
_entity.pdbx_description
1 polymer 'Tetrahydroalstonine synthase'
2 non-polymer 'ZINC ION'
3 non-polymer 'PHOSPHATE ION'
4 water water
#
_entity_poly.entity_id   1
_entity_poly.type   'polypeptide(L)'
_entity_poly.pdbx_seq_one_letter_code
;GPAMASKSPSEEVYPVKAFGLAAKDSSGLFSPFNFSRRATGEHDVQLKVLYCGTCQYDREMSKNKFGFTSYPYVLGHEIV
GEVTEVGSKVQKFKVGDKVGVASIIETCGKCEMCTNEVENYCPEAGSIDSNYGACSNIAVINENFVIRWPENLPLDSGVP
LLCAGITAYSPMKRYGLDKPGKRIGIAGLGGLGHVALRFAKAFGAKVTVISSSLKKKREAFEKFGADSFLVSSNPEEMQG
AAGTLDGIIDTIPGNHSLEPLLALLKPLGKLIILGAPEMPFEVPAPSLLMGGKVMAASTAGSMKEIQEMIEFAAEHNIVA
DVEVISIDYVNTAMERLDNSDVRYRFVIDIGNTLKSN
;
_entity_poly.pdbx_strand_id   A,B
#
loop_
_chem_comp.id
_chem_comp.type
_chem_comp.name
_chem_comp.formula
PO4 non-polymer 'PHOSPHATE ION' 'O4 P -3'
ZN non-polymer 'ZINC ION' 'Zn 2'
#
# COMPACT_ATOMS: atom_id res chain seq x y z
N PRO A 15 39.87 -22.82 7.67
CA PRO A 15 41.14 -22.48 8.34
C PRO A 15 41.03 -22.16 9.85
N VAL A 16 40.11 -21.25 10.21
CA VAL A 16 39.85 -20.87 11.62
C VAL A 16 38.84 -21.83 12.26
N LYS A 17 39.27 -22.55 13.29
CA LYS A 17 38.43 -23.56 13.95
C LYS A 17 37.28 -22.88 14.70
N ALA A 18 36.09 -23.46 14.57
CA ALA A 18 34.87 -22.98 15.23
C ALA A 18 34.01 -24.13 15.72
N PHE A 19 33.11 -23.83 16.64
CA PHE A 19 32.16 -24.82 17.14
C PHE A 19 30.83 -24.15 17.42
N GLY A 20 29.77 -24.94 17.36
CA GLY A 20 28.42 -24.43 17.62
C GLY A 20 27.39 -25.55 17.79
N LEU A 21 26.13 -25.21 17.52
CA LEU A 21 25.03 -26.17 17.50
C LEU A 21 24.57 -26.37 16.07
N ALA A 22 24.33 -27.62 15.68
CA ALA A 22 23.77 -27.92 14.37
C ALA A 22 22.73 -29.04 14.43
N ALA A 23 21.78 -29.00 13.49
CA ALA A 23 20.84 -30.08 13.28
C ALA A 23 21.24 -30.92 12.06
N LYS A 24 21.07 -32.24 12.14
CA LYS A 24 21.44 -33.20 11.07
C LYS A 24 20.35 -33.41 10.02
N ASP A 25 19.09 -33.26 10.42
CA ASP A 25 17.93 -33.55 9.56
C ASP A 25 16.76 -32.63 9.94
N SER A 26 15.64 -32.74 9.21
CA SER A 26 14.48 -31.85 9.40
C SER A 26 13.66 -32.05 10.70
N SER A 27 14.07 -32.96 11.59
CA SER A 27 13.51 -33.01 12.96
C SER A 27 13.77 -31.69 13.72
N GLY A 28 14.85 -30.99 13.36
CA GLY A 28 15.23 -29.72 14.00
C GLY A 28 16.00 -29.89 15.31
N LEU A 29 16.41 -31.12 15.63
CA LEU A 29 17.14 -31.41 16.86
C LEU A 29 18.59 -30.99 16.67
N PHE A 30 19.01 -30.05 17.50
CA PHE A 30 20.37 -29.53 17.46
C PHE A 30 21.29 -30.34 18.36
N SER A 31 22.58 -30.34 18.03
CA SER A 31 23.59 -31.01 18.85
C SER A 31 24.95 -30.33 18.64
N PRO A 32 25.92 -30.55 19.57
CA PRO A 32 27.22 -29.89 19.43
C PRO A 32 27.88 -30.25 18.09
N PHE A 33 28.50 -29.27 17.44
CA PHE A 33 28.96 -29.42 16.08
C PHE A 33 30.21 -28.58 15.87
N ASN A 34 31.28 -29.26 15.42
CA ASN A 34 32.54 -28.62 15.03
C ASN A 34 32.56 -28.36 13.53
N PHE A 35 33.11 -27.21 13.16
CA PHE A 35 33.28 -26.85 11.76
C PHE A 35 34.37 -25.80 11.72
N SER A 36 34.50 -25.05 10.64
CA SER A 36 35.49 -23.97 10.59
C SER A 36 35.02 -22.86 9.67
N ARG A 37 35.46 -21.66 10.00
CA ARG A 37 35.13 -20.47 9.24
C ARG A 37 36.35 -20.05 8.44
N ARG A 38 36.17 -19.04 7.59
CA ARG A 38 37.29 -18.52 6.82
C ARG A 38 38.15 -17.61 7.68
N ALA A 39 39.41 -17.47 7.26
CA ALA A 39 40.34 -16.49 7.81
C ALA A 39 39.84 -15.07 7.54
N THR A 40 40.12 -14.17 8.49
CA THR A 40 39.74 -12.77 8.39
C THR A 40 40.40 -12.11 7.18
N GLY A 41 39.62 -11.95 6.12
CA GLY A 41 40.07 -11.28 4.90
C GLY A 41 40.21 -9.79 5.09
N GLU A 42 40.61 -9.10 4.03
CA GLU A 42 40.98 -7.66 4.08
C GLU A 42 39.86 -6.74 4.56
N HIS A 43 38.61 -7.06 4.22
CA HIS A 43 37.42 -6.28 4.65
C HIS A 43 36.52 -6.99 5.67
N ASP A 44 37.01 -8.06 6.28
CA ASP A 44 36.22 -8.85 7.24
C ASP A 44 36.44 -8.44 8.69
N VAL A 45 35.47 -8.77 9.53
CA VAL A 45 35.53 -8.58 10.97
C VAL A 45 35.25 -9.94 11.60
N GLN A 46 36.24 -10.52 12.29
CA GLN A 46 36.00 -11.67 13.16
C GLN A 46 35.44 -11.14 14.50
N LEU A 47 34.52 -11.89 15.10
CA LEU A 47 33.99 -11.55 16.41
C LEU A 47 33.68 -12.81 17.21
N LYS A 48 33.87 -12.72 18.54
CA LYS A 48 33.37 -13.74 19.45
C LYS A 48 31.87 -13.41 19.71
N VAL A 49 30.99 -14.38 19.53
CA VAL A 49 29.55 -14.15 19.75
C VAL A 49 29.26 -14.13 21.25
N LEU A 50 28.56 -13.08 21.72
CA LEU A 50 28.22 -12.95 23.13
C LEU A 50 26.79 -13.40 23.37
N TYR A 51 25.86 -12.89 22.56
CA TYR A 51 24.44 -13.28 22.65
C TYR A 51 23.85 -13.50 21.27
N CYS A 52 23.07 -14.57 21.14
CA CYS A 52 22.40 -14.96 19.90
C CYS A 52 20.91 -14.90 20.15
N GLY A 53 20.27 -13.87 19.60
CA GLY A 53 18.82 -13.74 19.67
C GLY A 53 18.21 -14.77 18.75
N THR A 54 17.03 -15.23 19.11
CA THR A 54 16.41 -16.38 18.47
C THR A 54 14.93 -16.05 18.21
N CYS A 55 14.34 -16.66 17.18
CA CYS A 55 12.89 -16.48 16.91
C CYS A 55 12.28 -17.61 16.03
N GLN A 56 11.03 -17.40 15.58
CA GLN A 56 10.29 -18.34 14.75
C GLN A 56 11.08 -18.79 13.52
N TYR A 57 11.74 -17.85 12.83
CA TYR A 57 12.57 -18.15 11.65
C TYR A 57 13.55 -19.32 11.89
N ASP A 58 14.19 -19.34 13.05
CA ASP A 58 15.13 -20.41 13.40
C ASP A 58 14.47 -21.78 13.48
N ARG A 59 13.31 -21.85 14.13
CA ARG A 59 12.56 -23.09 14.27
C ARG A 59 12.06 -23.59 12.91
N GLU A 60 11.57 -22.66 12.10
CA GLU A 60 11.06 -22.99 10.76
C GLU A 60 12.20 -23.43 9.83
N MET A 61 13.34 -22.74 9.87
CA MET A 61 14.52 -23.14 9.10
C MET A 61 15.09 -24.48 9.56
N SER A 62 15.15 -24.70 10.88
CA SER A 62 15.63 -25.97 11.43
C SER A 62 14.85 -27.17 10.92
N LYS A 63 13.53 -27.01 10.73
CA LYS A 63 12.66 -28.08 10.21
C LYS A 63 12.40 -28.03 8.68
N ASN A 64 13.17 -27.21 7.96
CA ASN A 64 13.08 -27.09 6.50
C ASN A 64 11.72 -26.64 5.97
N LYS A 65 10.96 -25.89 6.76
CA LYS A 65 9.58 -25.50 6.39
C LYS A 65 9.42 -25.00 4.95
N PHE A 66 10.41 -24.24 4.46
CA PHE A 66 10.34 -23.56 3.16
C PHE A 66 11.06 -24.28 2.00
N GLY A 67 11.65 -25.45 2.27
CA GLY A 67 12.28 -26.26 1.22
C GLY A 67 13.74 -26.02 0.88
N PHE A 68 14.35 -24.94 1.37
CA PHE A 68 15.73 -24.57 0.94
C PHE A 68 16.77 -24.56 2.07
N THR A 69 16.47 -25.19 3.22
CA THR A 69 17.47 -25.48 4.24
C THR A 69 18.38 -26.65 3.80
N SER A 70 19.70 -26.51 3.96
CA SER A 70 20.62 -27.65 3.74
C SER A 70 21.33 -28.07 5.03
N TYR A 71 21.50 -29.38 5.21
CA TYR A 71 22.02 -29.98 6.43
C TYR A 71 23.45 -30.48 6.23
N PRO A 72 24.34 -30.34 7.22
CA PRO A 72 24.01 -29.84 8.58
C PRO A 72 23.75 -28.32 8.67
N TYR A 73 22.82 -27.94 9.56
CA TYR A 73 22.34 -26.55 9.66
C TYR A 73 22.65 -25.95 11.04
N VAL A 74 23.42 -24.86 11.05
CA VAL A 74 23.71 -24.09 12.25
C VAL A 74 22.84 -22.82 12.26
N LEU A 75 21.96 -22.72 13.24
CA LEU A 75 21.13 -21.52 13.44
C LEU A 75 21.95 -20.31 13.90
N GLY A 76 21.30 -19.15 13.85
CA GLY A 76 21.83 -17.92 14.47
C GLY A 76 21.83 -16.72 13.53
N HIS A 77 20.79 -15.89 13.63
CA HIS A 77 20.63 -14.70 12.78
C HIS A 77 20.51 -13.34 13.49
N GLU A 78 20.52 -13.31 14.82
CA GLU A 78 20.44 -12.07 15.60
C GLU A 78 21.63 -12.13 16.56
N ILE A 79 22.67 -11.35 16.25
CA ILE A 79 23.99 -11.52 16.84
C ILE A 79 24.54 -10.20 17.42
N VAL A 80 25.02 -10.26 18.67
CA VAL A 80 25.90 -9.23 19.23
C VAL A 80 27.18 -9.92 19.70
N GLY A 81 28.28 -9.20 19.61
CA GLY A 81 29.59 -9.79 19.92
C GLY A 81 30.70 -8.79 20.08
N GLU A 82 31.89 -9.33 20.33
CA GLU A 82 33.08 -8.54 20.59
C GLU A 82 34.06 -8.82 19.46
N VAL A 83 34.60 -7.78 18.84
CA VAL A 83 35.53 -7.91 17.73
C VAL A 83 36.86 -8.51 18.22
N THR A 84 37.27 -9.61 17.57
CA THR A 84 38.52 -10.33 17.89
C THR A 84 39.62 -10.08 16.84
N GLU A 85 39.26 -9.93 15.57
CA GLU A 85 40.19 -9.53 14.51
C GLU A 85 39.48 -8.59 13.53
N VAL A 86 40.26 -7.70 12.91
CA VAL A 86 39.81 -6.94 11.74
C VAL A 86 40.88 -7.06 10.65
N GLY A 87 40.44 -7.02 9.39
CA GLY A 87 41.35 -7.06 8.25
C GLY A 87 42.12 -5.77 8.05
N SER A 88 43.21 -5.86 7.30
CA SER A 88 44.12 -4.74 7.05
C SER A 88 43.48 -3.45 6.51
N LYS A 89 42.35 -3.57 5.81
CA LYS A 89 41.64 -2.40 5.25
C LYS A 89 40.53 -1.84 6.15
N VAL A 90 40.15 -2.58 7.20
CA VAL A 90 39.01 -2.19 8.04
C VAL A 90 39.38 -1.03 8.98
N GLN A 91 38.71 0.10 8.79
CA GLN A 91 38.92 1.28 9.64
C GLN A 91 37.79 1.51 10.67
N LYS A 92 36.54 1.25 10.27
CA LYS A 92 35.37 1.54 11.09
C LYS A 92 35.38 0.83 12.46
N PHE A 93 35.96 -0.37 12.54
CA PHE A 93 35.96 -1.20 13.77
C PHE A 93 37.36 -1.54 14.22
N LYS A 94 37.51 -1.78 15.53
CA LYS A 94 38.80 -2.19 16.12
C LYS A 94 38.56 -3.38 17.07
N VAL A 95 39.63 -4.11 17.37
CA VAL A 95 39.59 -5.21 18.36
C VAL A 95 39.00 -4.70 19.69
N GLY A 96 38.06 -5.46 20.26
CA GLY A 96 37.38 -5.09 21.51
C GLY A 96 36.06 -4.34 21.39
N ASP A 97 35.72 -3.84 20.21
CA ASP A 97 34.42 -3.19 19.96
C ASP A 97 33.25 -4.14 20.07
N LYS A 98 32.18 -3.65 20.66
CA LYS A 98 30.91 -4.35 20.66
C LYS A 98 30.20 -4.10 19.31
N VAL A 99 29.76 -5.19 18.67
CA VAL A 99 29.10 -5.12 17.35
C VAL A 99 27.84 -5.97 17.28
N GLY A 100 27.00 -5.62 16.32
CA GLY A 100 25.82 -6.38 15.97
C GLY A 100 25.86 -6.86 14.53
N VAL A 101 25.23 -8.01 14.29
CA VAL A 101 25.05 -8.58 12.96
C VAL A 101 23.60 -9.04 12.85
N ALA A 102 22.99 -8.69 11.73
CA ALA A 102 21.60 -9.07 11.40
C ALA A 102 21.56 -10.26 10.41
N SER A 103 20.35 -10.60 9.92
CA SER A 103 20.09 -11.78 9.06
C SER A 103 20.88 -11.76 7.75
N ILE A 104 20.90 -10.61 7.09
CA ILE A 104 21.53 -10.44 5.79
C ILE A 104 22.97 -9.98 5.97
N ILE A 105 23.92 -10.77 5.46
CA ILE A 105 25.37 -10.47 5.55
C ILE A 105 26.12 -10.32 4.20
N GLU A 106 25.46 -10.63 3.09
CA GLU A 106 25.97 -10.30 1.75
C GLU A 106 24.85 -10.07 0.75
N THR A 107 25.14 -9.24 -0.25
CA THR A 107 24.23 -9.00 -1.38
C THR A 107 25.08 -8.86 -2.64
N CYS A 108 24.43 -8.72 -3.79
CA CYS A 108 25.15 -8.71 -5.07
C CYS A 108 25.97 -7.43 -5.27
N GLY A 109 25.50 -6.28 -4.74
CA GLY A 109 26.20 -5.00 -4.85
C GLY A 109 25.93 -4.16 -6.10
N LYS A 110 25.42 -4.79 -7.17
CA LYS A 110 25.22 -4.15 -8.50
C LYS A 110 23.76 -3.69 -8.78
N CYS A 111 22.77 -4.40 -8.24
CA CYS A 111 21.36 -4.13 -8.56
C CYS A 111 20.86 -2.76 -8.06
N GLU A 112 19.65 -2.37 -8.50
CA GLU A 112 19.01 -1.12 -8.07
C GLU A 112 18.80 -1.07 -6.54
N MET A 113 18.40 -2.19 -5.96
CA MET A 113 18.18 -2.27 -4.51
C MET A 113 19.52 -2.13 -3.74
N CYS A 114 20.58 -2.72 -4.28
CA CYS A 114 21.90 -2.60 -3.70
C CYS A 114 22.45 -1.17 -3.77
N THR A 115 22.39 -0.55 -4.96
CA THR A 115 22.98 0.79 -5.13
C THR A 115 22.16 1.87 -4.43
N ASN A 116 20.87 1.64 -4.21
CA ASN A 116 20.04 2.62 -3.47
C ASN A 116 19.92 2.37 -1.97
N GLU A 117 20.84 1.56 -1.45
CA GLU A 117 20.97 1.28 -0.02
C GLU A 117 19.70 0.69 0.61
N VAL A 118 18.94 -0.10 -0.17
CA VAL A 118 17.82 -0.90 0.32
C VAL A 118 18.12 -2.36 -0.03
N GLU A 119 19.34 -2.74 0.29
CA GLU A 119 19.93 -4.02 -0.15
C GLU A 119 19.35 -5.23 0.55
N ASN A 120 18.57 -5.00 1.61
CA ASN A 120 17.76 -6.08 2.19
C ASN A 120 16.75 -6.66 1.19
N TYR A 121 16.40 -5.89 0.17
CA TYR A 121 15.56 -6.38 -0.91
C TYR A 121 16.32 -6.86 -2.16
N CYS A 122 17.64 -7.07 -2.06
CA CYS A 122 18.41 -7.62 -3.17
C CYS A 122 17.89 -9.00 -3.49
N PRO A 123 17.60 -9.29 -4.78
CA PRO A 123 17.18 -10.65 -5.16
C PRO A 123 18.16 -11.76 -4.78
N GLU A 124 19.44 -11.43 -4.66
CA GLU A 124 20.49 -12.42 -4.35
C GLU A 124 21.07 -12.27 -2.94
N ALA A 125 20.29 -11.68 -2.02
CA ALA A 125 20.70 -11.51 -0.66
C ALA A 125 21.05 -12.85 -0.04
N GLY A 126 22.16 -12.90 0.67
CA GLY A 126 22.63 -14.11 1.33
C GLY A 126 22.45 -13.95 2.83
N SER A 127 21.76 -14.91 3.43
CA SER A 127 21.49 -14.87 4.86
C SER A 127 22.64 -15.52 5.63
N ILE A 128 22.94 -14.95 6.79
CA ILE A 128 23.95 -15.44 7.74
C ILE A 128 23.89 -16.96 8.02
N ASP A 129 22.68 -17.54 8.05
CA ASP A 129 22.52 -18.98 8.35
C ASP A 129 22.66 -19.92 7.14
N SER A 130 22.82 -19.36 5.93
CA SER A 130 23.06 -20.16 4.72
C SER A 130 24.43 -20.85 4.71
N ASN A 131 25.46 -20.15 5.18
CA ASN A 131 26.80 -20.71 5.33
C ASN A 131 27.18 -20.75 6.81
N TYR A 132 26.35 -21.47 7.57
CA TYR A 132 26.49 -21.68 9.03
C TYR A 132 26.20 -20.42 9.84
N GLY A 133 25.09 -20.44 10.57
CA GLY A 133 24.68 -19.32 11.40
C GLY A 133 25.58 -19.12 12.60
N ALA A 134 25.30 -18.06 13.35
CA ALA A 134 26.19 -17.61 14.40
C ALA A 134 25.75 -17.94 15.84
N CYS A 135 24.99 -19.04 16.00
CA CYS A 135 24.94 -19.73 17.29
C CYS A 135 26.21 -20.59 17.35
N SER A 136 27.33 -19.92 17.60
CA SER A 136 28.67 -20.48 17.46
C SER A 136 29.66 -19.56 18.17
N ASN A 137 30.82 -20.10 18.51
CA ASN A 137 31.79 -19.33 19.30
C ASN A 137 32.31 -18.07 18.56
N ILE A 138 32.50 -18.18 17.25
CA ILE A 138 33.00 -17.07 16.45
C ILE A 138 32.18 -16.90 15.15
N ALA A 139 32.17 -15.68 14.64
CA ALA A 139 31.62 -15.38 13.31
C ALA A 139 32.60 -14.46 12.60
N VAL A 140 32.57 -14.49 11.27
CA VAL A 140 33.39 -13.60 10.45
C VAL A 140 32.50 -13.01 9.34
N ILE A 141 32.42 -11.69 9.31
CA ILE A 141 31.41 -10.97 8.53
C ILE A 141 32.05 -9.79 7.83
N ASN A 142 31.66 -9.54 6.58
CA ASN A 142 32.15 -8.37 5.86
C ASN A 142 31.78 -7.11 6.62
N GLU A 143 32.71 -6.16 6.71
CA GLU A 143 32.51 -4.95 7.52
C GLU A 143 31.24 -4.14 7.21
N ASN A 144 30.81 -4.10 5.94
CA ASN A 144 29.60 -3.35 5.52
C ASN A 144 28.28 -3.92 6.03
N PHE A 145 28.32 -5.16 6.54
CA PHE A 145 27.16 -5.77 7.20
C PHE A 145 27.34 -5.96 8.73
N VAL A 146 28.22 -5.14 9.34
CA VAL A 146 28.37 -5.10 10.79
C VAL A 146 27.96 -3.71 11.24
N ILE A 147 27.24 -3.63 12.37
CA ILE A 147 26.91 -2.33 13.00
C ILE A 147 27.69 -2.13 14.31
N ARG A 148 28.04 -0.87 14.61
CA ARG A 148 28.65 -0.54 15.88
C ARG A 148 27.55 -0.52 16.94
N TRP A 149 27.73 -1.31 17.99
CA TRP A 149 26.74 -1.41 19.06
C TRP A 149 26.84 -0.20 19.98
N PRO A 150 25.74 0.56 20.16
CA PRO A 150 25.83 1.71 21.05
C PRO A 150 26.16 1.30 22.49
N GLU A 151 26.90 2.13 23.20
CA GLU A 151 27.34 1.79 24.57
C GLU A 151 26.17 1.73 25.58
N ASN A 152 25.17 2.59 25.42
CA ASN A 152 24.04 2.66 26.36
C ASN A 152 22.94 1.57 26.16
N LEU A 153 23.11 0.65 25.20
CA LEU A 153 22.17 -0.45 24.99
C LEU A 153 22.68 -1.79 25.50
N PRO A 154 21.90 -2.46 26.36
CA PRO A 154 22.36 -3.77 26.82
C PRO A 154 22.41 -4.78 25.67
N LEU A 155 23.39 -5.69 25.71
CA LEU A 155 23.64 -6.63 24.62
C LEU A 155 22.60 -7.76 24.58
N ASP A 156 22.22 -8.26 25.77
CA ASP A 156 21.26 -9.38 25.90
C ASP A 156 19.84 -8.99 25.52
N SER A 157 19.30 -7.93 26.13
CA SER A 157 17.95 -7.47 25.80
C SER A 157 17.91 -6.63 24.52
N GLY A 158 19.07 -6.16 24.06
CA GLY A 158 19.13 -5.39 22.80
C GLY A 158 19.21 -6.21 21.54
N VAL A 159 19.83 -7.39 21.61
CA VAL A 159 20.06 -8.18 20.40
C VAL A 159 18.82 -8.44 19.53
N PRO A 160 17.62 -8.69 20.13
CA PRO A 160 16.47 -8.86 19.22
C PRO A 160 16.04 -7.64 18.40
N LEU A 161 16.56 -6.46 18.72
CA LEU A 161 16.26 -5.29 17.92
C LEU A 161 16.78 -5.44 16.49
N LEU A 162 17.76 -6.34 16.31
CA LEU A 162 18.32 -6.61 15.00
C LEU A 162 17.40 -7.45 14.06
N CYS A 163 16.34 -8.03 14.61
CA CYS A 163 15.36 -8.79 13.84
C CYS A 163 14.02 -8.06 14.01
N ALA A 164 13.42 -8.13 15.19
CA ALA A 164 12.10 -7.55 15.45
C ALA A 164 12.09 -6.03 15.35
N GLY A 165 13.15 -5.41 15.86
CA GLY A 165 13.24 -3.97 15.91
C GLY A 165 13.30 -3.39 14.50
N ILE A 166 14.25 -3.87 13.72
CA ILE A 166 14.37 -3.37 12.35
C ILE A 166 13.11 -3.68 11.49
N THR A 167 12.53 -4.86 11.68
CA THR A 167 11.30 -5.22 10.97
C THR A 167 10.17 -4.20 11.17
N ALA A 168 10.01 -3.72 12.40
CA ALA A 168 9.03 -2.70 12.68
C ALA A 168 9.54 -1.36 12.19
N TYR A 169 10.80 -1.05 12.51
CA TYR A 169 11.35 0.28 12.27
C TYR A 169 11.36 0.68 10.80
N SER A 170 11.81 -0.22 9.94
CA SER A 170 11.96 0.09 8.50
C SER A 170 10.67 0.62 7.83
N PRO A 171 9.56 -0.15 7.87
CA PRO A 171 8.30 0.35 7.31
C PRO A 171 7.67 1.55 8.06
N MET A 172 7.86 1.64 9.37
CA MET A 172 7.41 2.83 10.08
C MET A 172 8.09 4.11 9.53
N LYS A 173 9.38 4.05 9.22
CA LYS A 173 10.03 5.17 8.54
C LYS A 173 9.53 5.29 7.09
N ARG A 174 9.58 4.20 6.34
CA ARG A 174 9.23 4.26 4.91
C ARG A 174 7.82 4.83 4.65
N TYR A 175 6.83 4.45 5.45
CA TYR A 175 5.43 4.86 5.20
C TYR A 175 4.95 6.03 6.08
N GLY A 176 5.89 6.74 6.71
CA GLY A 176 5.55 7.94 7.50
C GLY A 176 4.69 7.72 8.75
N LEU A 177 4.89 6.58 9.42
CA LEU A 177 4.21 6.26 10.69
C LEU A 177 5.13 6.47 11.86
N ASP A 178 5.83 7.59 11.84
CA ASP A 178 6.98 7.82 12.69
C ASP A 178 7.03 9.24 13.25
N LYS A 179 5.88 9.95 13.27
CA LYS A 179 5.85 11.37 13.62
C LYS A 179 4.98 11.58 14.86
N PRO A 180 5.32 12.59 15.69
CA PRO A 180 4.50 12.83 16.89
C PRO A 180 3.03 13.11 16.58
N GLY A 181 2.13 12.52 17.35
CA GLY A 181 0.69 12.71 17.17
C GLY A 181 0.02 11.81 16.14
N LYS A 182 0.80 11.00 15.43
CA LYS A 182 0.21 9.96 14.60
C LYS A 182 -0.54 8.96 15.46
N ARG A 183 -1.70 8.52 14.98
CA ARG A 183 -2.50 7.52 15.66
C ARG A 183 -2.21 6.17 15.05
N ILE A 184 -1.48 5.34 15.79
CA ILE A 184 -0.92 4.13 15.26
C ILE A 184 -1.47 2.94 16.02
N GLY A 185 -2.12 2.03 15.30
CA GLY A 185 -2.54 0.76 15.88
C GLY A 185 -1.43 -0.26 15.89
N ILE A 186 -1.40 -1.12 16.91
CA ILE A 186 -0.51 -2.27 16.95
C ILE A 186 -1.40 -3.48 17.15
N ALA A 187 -1.46 -4.31 16.13
CA ALA A 187 -2.27 -5.52 16.17
C ALA A 187 -1.33 -6.66 16.54
N GLY A 188 -1.60 -7.27 17.68
CA GLY A 188 -0.79 -8.37 18.20
C GLY A 188 0.19 -7.81 19.21
N LEU A 189 0.28 -8.38 20.41
CA LEU A 189 1.15 -7.84 21.44
C LEU A 189 2.01 -8.95 21.99
N GLY A 190 2.82 -9.49 21.09
CA GLY A 190 3.77 -10.54 21.35
C GLY A 190 5.20 -10.18 20.96
N GLY A 191 5.95 -11.22 20.63
CA GLY A 191 7.37 -11.12 20.33
C GLY A 191 7.77 -9.93 19.51
N LEU A 192 6.99 -9.65 18.48
CA LEU A 192 7.26 -8.55 17.59
C LEU A 192 6.44 -7.28 17.89
N GLY A 193 5.20 -7.47 18.35
CA GLY A 193 4.32 -6.34 18.65
C GLY A 193 4.84 -5.44 19.77
N HIS A 194 5.32 -6.05 20.85
CA HIS A 194 5.81 -5.31 22.01
C HIS A 194 6.97 -4.38 21.59
N VAL A 195 7.78 -4.85 20.64
CA VAL A 195 8.87 -4.05 20.09
C VAL A 195 8.35 -2.92 19.22
N ALA A 196 7.41 -3.23 18.33
CA ALA A 196 6.82 -2.22 17.49
C ALA A 196 6.12 -1.15 18.31
N LEU A 197 5.42 -1.58 19.37
CA LEU A 197 4.75 -0.67 20.30
C LEU A 197 5.75 0.35 20.89
N ARG A 198 6.89 -0.15 21.36
CA ARG A 198 7.91 0.70 21.94
C ARG A 198 8.50 1.70 20.96
N PHE A 199 8.67 1.31 19.70
CA PHE A 199 9.12 2.27 18.68
C PHE A 199 8.03 3.33 18.47
N ALA A 200 6.76 2.92 18.33
CA ALA A 200 5.67 3.89 18.12
C ALA A 200 5.59 4.94 19.24
N LYS A 201 5.73 4.51 20.49
CA LYS A 201 5.76 5.41 21.63
C LYS A 201 6.93 6.38 21.58
N ALA A 202 8.11 5.88 21.27
CA ALA A 202 9.33 6.69 21.15
C ALA A 202 9.21 7.76 20.07
N PHE A 203 8.48 7.46 18.99
CA PHE A 203 8.20 8.43 17.93
C PHE A 203 7.16 9.47 18.36
N GLY A 204 6.58 9.32 19.54
CA GLY A 204 5.56 10.23 20.05
C GLY A 204 4.17 9.99 19.49
N ALA A 205 3.92 8.78 19.01
CA ALA A 205 2.60 8.40 18.52
C ALA A 205 1.59 8.16 19.64
N LYS A 206 0.31 8.43 19.37
CA LYS A 206 -0.80 7.96 20.19
C LYS A 206 -1.07 6.52 19.78
N VAL A 207 -0.82 5.58 20.68
CA VAL A 207 -0.83 4.16 20.32
C VAL A 207 -2.09 3.43 20.79
N THR A 208 -2.74 2.77 19.85
CA THR A 208 -3.85 1.87 20.16
C THR A 208 -3.38 0.43 19.99
N VAL A 209 -3.58 -0.39 21.02
CA VAL A 209 -3.33 -1.81 20.90
C VAL A 209 -4.65 -2.51 20.53
N ILE A 210 -4.56 -3.39 19.53
CA ILE A 210 -5.69 -4.14 19.03
C ILE A 210 -5.37 -5.58 19.31
N SER A 211 -6.24 -6.22 20.06
CA SER A 211 -5.97 -7.54 20.55
C SER A 211 -7.26 -8.31 20.55
N SER A 212 -7.15 -9.64 20.49
CA SER A 212 -8.33 -10.51 20.44
C SER A 212 -8.87 -10.87 21.82
N SER A 213 -8.23 -10.37 22.87
CA SER A 213 -8.54 -10.77 24.25
C SER A 213 -8.32 -9.63 25.25
N LEU A 214 -9.25 -9.49 26.18
CA LEU A 214 -9.14 -8.56 27.31
C LEU A 214 -8.02 -8.89 28.28
N LYS A 215 -7.54 -10.14 28.25
CA LYS A 215 -6.41 -10.56 29.09
C LYS A 215 -5.19 -9.64 28.91
N LYS A 216 -5.05 -9.05 27.72
CA LYS A 216 -3.92 -8.18 27.36
C LYS A 216 -4.10 -6.67 27.69
N LYS A 217 -5.27 -6.24 28.16
CA LYS A 217 -5.54 -4.79 28.35
C LYS A 217 -4.62 -4.11 29.37
N ARG A 218 -4.52 -4.73 30.53
CA ARG A 218 -3.76 -4.19 31.63
C ARG A 218 -2.28 -4.11 31.23
N GLU A 219 -1.76 -5.15 30.58
CA GLU A 219 -0.40 -5.14 30.05
C GLU A 219 -0.20 -3.98 29.06
N ALA A 220 -1.15 -3.82 28.15
CA ALA A 220 -1.04 -2.79 27.14
C ALA A 220 -0.87 -1.44 27.80
N PHE A 221 -1.72 -1.15 28.78
CA PHE A 221 -1.69 0.13 29.49
C PHE A 221 -0.55 0.32 30.49
N GLU A 222 -0.33 -0.67 31.35
CA GLU A 222 0.56 -0.53 32.52
C GLU A 222 2.00 -0.66 32.08
N LYS A 223 2.25 -1.63 31.22
CA LYS A 223 3.61 -2.00 30.84
C LYS A 223 4.08 -1.45 29.51
N PHE A 224 3.16 -0.96 28.68
CA PHE A 224 3.49 -0.37 27.38
C PHE A 224 2.96 1.04 27.14
N GLY A 225 2.23 1.58 28.12
CA GLY A 225 1.63 2.89 28.00
C GLY A 225 0.78 3.11 26.77
N ALA A 226 0.06 2.09 26.25
CA ALA A 226 -0.87 2.33 25.15
C ALA A 226 -1.81 3.44 25.59
N ASP A 227 -2.23 4.26 24.64
CA ASP A 227 -3.19 5.30 24.90
C ASP A 227 -4.63 4.78 24.76
N SER A 228 -4.83 3.71 24.00
CA SER A 228 -6.14 3.03 23.88
C SER A 228 -5.97 1.54 23.63
N PHE A 229 -7.04 0.81 23.90
CA PHE A 229 -7.08 -0.63 23.73
C PHE A 229 -8.41 -1.00 23.08
N LEU A 230 -8.33 -1.82 22.03
CA LEU A 230 -9.51 -2.35 21.34
C LEU A 230 -9.50 -3.87 21.38
N VAL A 231 -10.61 -4.46 21.81
CA VAL A 231 -10.80 -5.91 21.70
C VAL A 231 -11.43 -6.17 20.35
N SER A 232 -10.72 -6.89 19.47
CA SER A 232 -11.20 -7.11 18.09
C SER A 232 -12.49 -7.96 17.98
N SER A 233 -12.78 -8.78 18.99
CA SER A 233 -14.01 -9.56 19.03
C SER A 233 -15.23 -8.81 19.63
N ASN A 234 -15.02 -7.54 20.01
CA ASN A 234 -16.09 -6.66 20.46
C ASN A 234 -16.50 -5.73 19.31
N PRO A 235 -17.64 -6.01 18.65
CA PRO A 235 -18.00 -5.19 17.47
C PRO A 235 -18.39 -3.72 17.78
N GLU A 236 -18.89 -3.45 18.98
CA GLU A 236 -19.20 -2.07 19.40
C GLU A 236 -17.91 -1.22 19.51
N GLU A 237 -16.88 -1.75 20.18
CA GLU A 237 -15.58 -1.07 20.31
C GLU A 237 -14.93 -0.83 18.95
N MET A 238 -14.93 -1.86 18.09
CA MET A 238 -14.24 -1.77 16.80
C MET A 238 -14.92 -0.74 15.89
N GLN A 239 -16.25 -0.75 15.86
CA GLN A 239 -17.04 0.27 15.11
C GLN A 239 -16.86 1.70 15.65
N GLY A 240 -16.76 1.86 16.97
CA GLY A 240 -16.47 3.16 17.59
C GLY A 240 -15.14 3.80 17.17
N ALA A 241 -14.15 2.96 16.85
CA ALA A 241 -12.84 3.41 16.37
C ALA A 241 -12.70 3.43 14.83
N ALA A 242 -13.80 3.23 14.11
CA ALA A 242 -13.75 3.26 12.63
C ALA A 242 -13.15 4.58 12.13
N GLY A 243 -12.24 4.48 11.15
CA GLY A 243 -11.70 5.64 10.50
C GLY A 243 -10.89 6.58 11.34
N THR A 244 -10.24 6.08 12.40
CA THR A 244 -9.47 6.90 13.36
C THR A 244 -7.94 6.82 13.27
N LEU A 245 -7.40 5.75 12.69
CA LEU A 245 -5.94 5.53 12.72
C LEU A 245 -5.20 5.96 11.45
N ASP A 246 -4.04 6.57 11.64
CA ASP A 246 -3.16 6.87 10.49
C ASP A 246 -2.56 5.61 9.92
N GLY A 247 -2.24 4.65 10.78
CA GLY A 247 -1.67 3.39 10.34
C GLY A 247 -1.76 2.32 11.41
N ILE A 248 -1.58 1.08 11.01
CA ILE A 248 -1.59 -0.08 11.88
C ILE A 248 -0.38 -0.92 11.52
N ILE A 249 0.36 -1.35 12.53
CA ILE A 249 1.40 -2.33 12.32
C ILE A 249 0.81 -3.67 12.71
N ASP A 250 0.61 -4.55 11.73
CA ASP A 250 -0.04 -5.84 11.94
C ASP A 250 1.02 -6.91 12.16
N THR A 251 1.19 -7.36 13.40
CA THR A 251 2.23 -8.34 13.75
C THR A 251 1.63 -9.72 13.96
N ILE A 252 0.35 -9.90 13.66
CA ILE A 252 -0.33 -11.15 13.97
C ILE A 252 0.23 -12.26 13.07
N PRO A 253 0.80 -13.32 13.67
CA PRO A 253 1.50 -14.36 12.89
C PRO A 253 0.61 -15.41 12.23
N GLY A 254 -0.55 -15.71 12.81
CA GLY A 254 -1.48 -16.71 12.26
C GLY A 254 -2.62 -16.12 11.45
N ASN A 255 -3.53 -16.96 11.00
CA ASN A 255 -4.59 -16.55 10.09
C ASN A 255 -5.53 -15.52 10.70
N HIS A 256 -5.81 -14.46 9.95
CA HIS A 256 -6.74 -13.44 10.40
C HIS A 256 -7.22 -12.67 9.19
N SER A 257 -8.35 -12.01 9.36
CA SER A 257 -8.89 -11.12 8.35
C SER A 257 -8.32 -9.72 8.53
N LEU A 258 -8.07 -9.04 7.40
CA LEU A 258 -7.59 -7.65 7.38
C LEU A 258 -8.73 -6.64 7.40
N GLU A 259 -9.95 -7.07 7.08
CA GLU A 259 -11.09 -6.14 7.01
C GLU A 259 -11.34 -5.30 8.26
N PRO A 260 -11.33 -5.92 9.45
CA PRO A 260 -11.52 -5.09 10.66
C PRO A 260 -10.39 -4.08 10.92
N LEU A 261 -9.16 -4.41 10.53
CA LEU A 261 -8.03 -3.50 10.65
C LEU A 261 -8.15 -2.38 9.64
N LEU A 262 -8.45 -2.72 8.39
CA LEU A 262 -8.64 -1.68 7.37
C LEU A 262 -9.73 -0.69 7.76
N ALA A 263 -10.79 -1.17 8.41
CA ALA A 263 -11.89 -0.30 8.84
C ALA A 263 -11.49 0.72 9.92
N LEU A 264 -10.48 0.40 10.71
CA LEU A 264 -9.94 1.34 11.71
C LEU A 264 -9.14 2.49 11.09
N LEU A 265 -8.64 2.32 9.86
CA LEU A 265 -7.78 3.33 9.22
C LEU A 265 -8.58 4.51 8.74
N LYS A 266 -7.98 5.69 8.91
CA LYS A 266 -8.45 6.88 8.22
C LYS A 266 -8.35 6.63 6.72
N PRO A 267 -9.11 7.42 5.93
CA PRO A 267 -8.80 7.44 4.52
C PRO A 267 -7.30 7.72 4.25
N LEU A 268 -6.75 7.06 3.24
CA LEU A 268 -5.33 7.12 2.89
C LEU A 268 -4.40 6.48 3.91
N GLY A 269 -4.95 5.82 4.94
CA GLY A 269 -4.15 5.21 6.00
C GLY A 269 -3.49 3.94 5.52
N LYS A 270 -2.53 3.46 6.29
CA LYS A 270 -1.72 2.34 5.83
C LYS A 270 -1.74 1.21 6.82
N LEU A 271 -1.97 0.01 6.32
CA LEU A 271 -1.83 -1.22 7.08
C LEU A 271 -0.53 -1.88 6.67
N ILE A 272 0.37 -2.08 7.62
CA ILE A 272 1.66 -2.71 7.36
C ILE A 272 1.61 -4.14 7.86
N ILE A 273 1.80 -5.11 6.98
CA ILE A 273 1.75 -6.52 7.33
C ILE A 273 3.16 -7.08 7.51
N LEU A 274 3.44 -7.61 8.70
CA LEU A 274 4.73 -8.18 9.04
C LEU A 274 4.76 -9.69 9.24
N GLY A 275 3.62 -10.32 9.50
CA GLY A 275 3.57 -11.78 9.68
C GLY A 275 3.27 -12.48 8.38
N ALA A 276 3.46 -13.79 8.37
CA ALA A 276 3.28 -14.62 7.19
C ALA A 276 2.34 -15.79 7.51
N PRO A 277 1.03 -15.50 7.64
CA PRO A 277 0.08 -16.55 7.89
C PRO A 277 -0.09 -17.47 6.71
N GLU A 278 -0.46 -18.71 7.01
CA GLU A 278 -0.59 -19.75 6.02
C GLU A 278 -1.78 -19.51 5.08
N MET A 279 -2.91 -19.01 5.60
CA MET A 279 -4.07 -18.77 4.76
C MET A 279 -3.99 -17.37 4.10
N PRO A 280 -4.27 -17.30 2.80
CA PRO A 280 -4.31 -16.02 2.11
C PRO A 280 -5.30 -15.06 2.74
N PHE A 281 -5.00 -13.78 2.67
CA PHE A 281 -5.92 -12.78 3.12
C PHE A 281 -7.04 -12.63 2.09
N GLU A 282 -8.26 -12.46 2.57
CA GLU A 282 -9.43 -12.20 1.72
C GLU A 282 -9.69 -10.68 1.79
N VAL A 283 -9.55 -9.99 0.67
CA VAL A 283 -9.62 -8.52 0.65
C VAL A 283 -10.68 -8.11 -0.35
N PRO A 284 -11.90 -7.83 0.14
CA PRO A 284 -12.87 -7.21 -0.76
C PRO A 284 -12.38 -5.85 -1.25
N ALA A 285 -12.65 -5.54 -2.52
CA ALA A 285 -12.18 -4.30 -3.10
C ALA A 285 -12.67 -3.09 -2.33
N PRO A 286 -13.96 -3.08 -1.89
CA PRO A 286 -14.46 -1.96 -1.08
C PRO A 286 -13.70 -1.67 0.21
N SER A 287 -13.10 -2.67 0.84
CA SER A 287 -12.35 -2.45 2.08
C SER A 287 -11.09 -1.57 1.87
N LEU A 288 -10.57 -1.52 0.62
CA LEU A 288 -9.52 -0.57 0.23
C LEU A 288 -10.06 0.64 -0.53
N LEU A 289 -11.02 0.42 -1.42
CA LEU A 289 -11.60 1.53 -2.21
C LEU A 289 -12.23 2.63 -1.35
N MET A 290 -13.02 2.24 -0.35
CA MET A 290 -13.70 3.18 0.54
C MET A 290 -12.60 3.85 1.37
N GLY A 291 -12.20 5.04 0.96
CA GLY A 291 -11.15 5.77 1.65
C GLY A 291 -9.75 5.68 1.07
N GLY A 292 -9.55 4.92 -0.01
CA GLY A 292 -8.26 4.90 -0.70
C GLY A 292 -7.13 4.40 0.19
N LYS A 293 -7.37 3.27 0.83
CA LYS A 293 -6.45 2.70 1.79
C LYS A 293 -5.33 1.89 1.17
N VAL A 294 -4.26 1.74 1.95
CA VAL A 294 -3.02 1.11 1.51
C VAL A 294 -2.74 -0.08 2.40
N MET A 295 -2.34 -1.17 1.78
CA MET A 295 -1.74 -2.25 2.55
C MET A 295 -0.39 -2.61 1.93
N ALA A 296 0.62 -2.75 2.78
CA ALA A 296 1.98 -3.01 2.35
C ALA A 296 2.59 -4.00 3.30
N ALA A 297 3.52 -4.79 2.81
CA ALA A 297 4.26 -5.69 3.67
C ALA A 297 5.70 -5.21 3.67
N SER A 298 6.53 -5.84 4.49
CA SER A 298 7.91 -5.42 4.63
C SER A 298 8.70 -6.57 5.26
N THR A 299 9.97 -6.72 4.85
CA THR A 299 10.87 -7.66 5.49
C THR A 299 12.11 -6.90 5.96
N ALA A 300 12.56 -7.24 7.17
CA ALA A 300 13.81 -6.76 7.75
C ALA A 300 14.09 -5.27 7.45
N GLY A 301 15.33 -4.91 7.14
CA GLY A 301 15.67 -3.56 6.73
C GLY A 301 17.10 -3.49 6.23
N SER A 302 17.46 -2.34 5.67
CA SER A 302 18.80 -2.10 5.14
C SER A 302 19.83 -1.86 6.26
N MET A 303 21.12 -1.89 5.90
CA MET A 303 22.19 -1.60 6.85
C MET A 303 22.12 -0.15 7.34
N LYS A 304 21.80 0.80 6.44
CA LYS A 304 21.59 2.19 6.83
C LYS A 304 20.44 2.34 7.83
N GLU A 305 19.36 1.59 7.59
CA GLU A 305 18.20 1.64 8.47
C GLU A 305 18.52 1.02 9.82
N ILE A 306 19.21 -0.12 9.83
CA ILE A 306 19.57 -0.78 11.08
C ILE A 306 20.46 0.12 11.93
N GLN A 307 21.40 0.82 11.30
CA GLN A 307 22.29 1.73 12.03
C GLN A 307 21.47 2.87 12.67
N GLU A 308 20.64 3.53 11.88
CA GLU A 308 19.77 4.59 12.36
C GLU A 308 18.83 4.07 13.49
N MET A 309 18.30 2.86 13.28
CA MET A 309 17.39 2.20 14.21
C MET A 309 18.03 1.96 15.56
N ILE A 310 19.25 1.42 15.57
CA ILE A 310 19.90 1.03 16.82
C ILE A 310 20.33 2.25 17.65
N GLU A 311 20.68 3.33 16.98
CA GLU A 311 20.97 4.58 17.67
C GLU A 311 19.70 5.21 18.23
N PHE A 312 18.59 5.08 17.52
CA PHE A 312 17.30 5.57 18.01
C PHE A 312 16.82 4.76 19.24
N ALA A 313 16.96 3.43 19.17
CA ALA A 313 16.75 2.55 20.33
C ALA A 313 17.54 3.03 21.56
N ALA A 314 18.84 3.27 21.37
CA ALA A 314 19.74 3.69 22.44
C ALA A 314 19.35 5.03 23.06
N GLU A 315 19.10 6.01 22.20
CA GLU A 315 18.54 7.30 22.60
C GLU A 315 17.26 7.18 23.43
N HIS A 316 16.34 6.32 23.00
CA HIS A 316 15.02 6.21 23.62
C HIS A 316 14.89 5.02 24.61
N ASN A 317 16.00 4.35 24.92
CA ASN A 317 16.03 3.24 25.91
C ASN A 317 15.04 2.13 25.54
N ILE A 318 15.06 1.73 24.27
CA ILE A 318 14.21 0.66 23.76
C ILE A 318 15.01 -0.64 23.80
N VAL A 319 14.47 -1.64 24.48
CA VAL A 319 14.97 -3.00 24.43
C VAL A 319 13.79 -3.95 24.23
N ALA A 320 14.10 -5.21 23.93
CA ALA A 320 13.10 -6.27 23.96
C ALA A 320 13.00 -6.86 25.35
N ASP A 321 11.86 -7.46 25.65
CA ASP A 321 11.68 -8.35 26.79
C ASP A 321 12.24 -9.69 26.41
N VAL A 322 13.24 -10.15 27.15
CA VAL A 322 13.93 -11.39 26.79
C VAL A 322 13.90 -12.38 27.92
N GLU A 323 14.05 -13.63 27.56
CA GLU A 323 14.40 -14.66 28.49
C GLU A 323 15.71 -15.19 28.01
N VAL A 324 16.71 -15.09 28.87
CA VAL A 324 18.02 -15.53 28.51
C VAL A 324 18.05 -17.03 28.78
N ILE A 325 18.78 -17.77 27.95
CA ILE A 325 18.91 -19.22 28.11
C ILE A 325 20.34 -19.70 27.87
N SER A 326 20.69 -20.86 28.41
CA SER A 326 22.00 -21.47 28.13
C SER A 326 21.93 -22.32 26.86
N ILE A 327 23.09 -22.67 26.33
CA ILE A 327 23.21 -23.42 25.08
C ILE A 327 22.51 -24.79 25.17
N ASP A 328 22.51 -25.38 26.36
CA ASP A 328 21.88 -26.67 26.58
C ASP A 328 20.34 -26.58 26.42
N TYR A 329 19.74 -25.41 26.67
CA TYR A 329 18.30 -25.22 26.58
C TYR A 329 17.75 -24.91 25.18
N VAL A 330 18.62 -24.85 24.16
CA VAL A 330 18.19 -24.41 22.84
C VAL A 330 17.11 -25.33 22.23
N ASN A 331 17.26 -26.65 22.35
CA ASN A 331 16.25 -27.57 21.80
C ASN A 331 14.88 -27.37 22.41
N THR A 332 14.83 -27.25 23.72
CA THR A 332 13.58 -26.98 24.44
C THR A 332 12.99 -25.61 24.05
N ALA A 333 13.82 -24.57 23.93
CA ALA A 333 13.37 -23.24 23.50
C ALA A 333 12.68 -23.30 22.15
N MET A 334 13.29 -24.05 21.26
CA MET A 334 12.79 -24.23 19.89
C MET A 334 11.38 -24.83 19.87
N GLU A 335 11.19 -25.87 20.67
CA GLU A 335 9.87 -26.49 20.88
C GLU A 335 8.86 -25.48 21.42
N ARG A 336 9.29 -24.69 22.40
CA ARG A 336 8.43 -23.68 23.01
C ARG A 336 8.00 -22.58 22.01
N LEU A 337 8.81 -22.29 21.00
CA LEU A 337 8.40 -21.34 19.95
C LEU A 337 7.22 -21.72 19.04
N ASP A 338 6.95 -23.02 18.88
CA ASP A 338 5.79 -23.49 18.13
C ASP A 338 4.51 -22.90 18.73
N ASN A 339 4.51 -22.76 20.07
CA ASN A 339 3.38 -22.19 20.82
C ASN A 339 3.51 -20.70 21.19
N SER A 340 4.50 -20.01 20.60
CA SER A 340 4.99 -18.73 21.11
C SER A 340 4.97 -18.70 22.67
N ASP A 341 5.55 -19.74 23.28
CA ASP A 341 5.53 -19.90 24.74
C ASP A 341 6.77 -19.20 25.29
N VAL A 342 6.80 -17.88 25.12
CA VAL A 342 7.91 -17.04 25.49
C VAL A 342 7.45 -15.59 25.71
N ARG A 343 8.16 -14.92 26.63
CA ARG A 343 7.85 -13.60 27.14
C ARG A 343 9.09 -12.71 27.11
N TYR A 344 9.45 -12.13 25.96
CA TYR A 344 8.85 -12.39 24.65
C TYR A 344 9.87 -12.90 23.62
N ARG A 345 11.18 -12.82 23.89
CA ARG A 345 12.17 -13.56 23.12
C ARG A 345 13.30 -14.37 23.83
N PHE A 346 13.60 -15.55 23.30
CA PHE A 346 14.70 -16.36 23.83
C PHE A 346 16.03 -15.79 23.30
N VAL A 347 16.97 -15.54 24.20
CA VAL A 347 18.30 -15.06 23.85
C VAL A 347 19.34 -16.00 24.45
N ILE A 348 20.20 -16.54 23.60
CA ILE A 348 21.18 -17.52 24.01
C ILE A 348 22.41 -16.76 24.50
N ASP A 349 22.88 -17.08 25.71
CA ASP A 349 24.14 -16.58 26.22
C ASP A 349 25.28 -17.44 25.70
N ILE A 350 25.72 -17.11 24.50
CA ILE A 350 26.77 -17.84 23.82
C ILE A 350 28.09 -17.65 24.53
N GLY A 351 28.41 -16.40 24.88
CA GLY A 351 29.71 -16.06 25.46
C GLY A 351 30.00 -16.76 26.76
N ASN A 352 28.98 -16.90 27.61
CA ASN A 352 29.17 -17.56 28.90
C ASN A 352 28.92 -19.08 28.91
N THR A 353 28.06 -19.60 28.03
CA THR A 353 27.62 -21.03 28.12
C THR A 353 28.10 -21.99 27.01
N LEU A 354 28.46 -21.48 25.82
CA LEU A 354 28.97 -22.35 24.75
C LEU A 354 30.45 -22.71 24.99
N LYS A 355 30.76 -24.01 24.99
CA LYS A 355 32.13 -24.50 25.27
C LYS A 355 32.54 -25.65 24.32
N SER A 356 33.84 -25.93 24.25
CA SER A 356 34.41 -26.92 23.32
C SER A 356 34.05 -28.35 23.74
N PRO B 15 -37.15 26.83 -7.09
CA PRO B 15 -37.37 28.17 -7.70
C PRO B 15 -37.03 28.26 -9.20
N VAL B 16 -35.82 27.82 -9.58
CA VAL B 16 -35.35 27.80 -10.98
C VAL B 16 -35.82 26.53 -11.67
N LYS B 17 -36.65 26.68 -12.71
CA LYS B 17 -37.18 25.53 -13.45
C LYS B 17 -36.09 24.79 -14.21
N ALA B 18 -36.14 23.47 -14.14
CA ALA B 18 -35.20 22.59 -14.84
C ALA B 18 -35.90 21.36 -15.40
N PHE B 19 -35.23 20.69 -16.33
CA PHE B 19 -35.73 19.43 -16.90
C PHE B 19 -34.55 18.51 -17.20
N GLY B 20 -34.82 17.21 -17.21
CA GLY B 20 -33.81 16.21 -17.52
C GLY B 20 -34.39 14.83 -17.75
N LEU B 21 -33.55 13.82 -17.51
CA LEU B 21 -33.97 12.42 -17.56
C LEU B 21 -33.95 11.85 -16.15
N ALA B 22 -34.99 11.09 -15.79
CA ALA B 22 -35.04 10.41 -14.51
C ALA B 22 -35.64 9.02 -14.62
N ALA B 23 -35.22 8.14 -13.71
CA ALA B 23 -35.79 6.81 -13.57
C ALA B 23 -36.73 6.78 -12.38
N LYS B 24 -37.87 6.09 -12.54
CA LYS B 24 -38.92 6.02 -11.49
C LYS B 24 -38.69 4.85 -10.49
N ASP B 25 -37.99 3.79 -10.90
CA ASP B 25 -37.76 2.60 -10.08
C ASP B 25 -36.42 1.95 -10.44
N SER B 26 -36.08 0.86 -9.74
CA SER B 26 -34.78 0.16 -9.94
C SER B 26 -34.58 -0.62 -11.28
N SER B 27 -35.56 -0.60 -12.18
CA SER B 27 -35.34 -1.08 -13.56
C SER B 27 -34.25 -0.26 -14.28
N GLY B 28 -34.07 1.00 -13.88
CA GLY B 28 -33.07 1.89 -14.47
C GLY B 28 -33.52 2.56 -15.76
N LEU B 29 -34.81 2.43 -16.11
CA LEU B 29 -35.35 3.02 -17.32
C LEU B 29 -35.58 4.51 -17.08
N PHE B 30 -34.91 5.33 -17.87
CA PHE B 30 -35.02 6.79 -17.76
C PHE B 30 -36.14 7.29 -18.66
N SER B 31 -36.69 8.45 -18.30
CA SER B 31 -37.72 9.11 -19.10
C SER B 31 -37.70 10.62 -18.82
N PRO B 32 -38.31 11.45 -19.71
CA PRO B 32 -38.26 12.91 -19.50
C PRO B 32 -38.87 13.29 -18.16
N PHE B 33 -38.25 14.25 -17.48
CA PHE B 33 -38.58 14.56 -16.10
C PHE B 33 -38.36 16.04 -15.81
N ASN B 34 -39.41 16.71 -15.34
CA ASN B 34 -39.36 18.10 -14.89
C ASN B 34 -39.15 18.17 -13.38
N PHE B 35 -38.35 19.13 -12.96
CA PHE B 35 -38.10 19.38 -11.54
C PHE B 35 -37.62 20.82 -11.43
N SER B 36 -36.98 21.18 -10.33
CA SER B 36 -36.39 22.53 -10.21
C SER B 36 -35.18 22.50 -9.31
N ARG B 37 -34.26 23.42 -9.59
CA ARG B 37 -33.04 23.58 -8.82
C ARG B 37 -33.16 24.83 -7.96
N ARG B 38 -32.16 25.05 -7.10
CA ARG B 38 -32.16 26.25 -6.27
C ARG B 38 -31.68 27.45 -7.09
N ALA B 39 -32.09 28.63 -6.61
CA ALA B 39 -31.57 29.90 -7.13
C ALA B 39 -30.07 30.02 -6.85
N THR B 40 -29.36 30.68 -7.76
CA THR B 40 -27.93 30.92 -7.64
C THR B 40 -27.62 31.75 -6.39
N GLY B 41 -27.14 31.07 -5.35
CA GLY B 41 -26.74 31.71 -4.10
C GLY B 41 -25.44 32.47 -4.25
N GLU B 42 -25.01 33.09 -3.15
CA GLU B 42 -23.85 34.00 -3.13
C GLU B 42 -22.52 33.39 -3.63
N HIS B 43 -22.31 32.10 -3.33
CA HIS B 43 -21.11 31.36 -3.79
C HIS B 43 -21.37 30.27 -4.88
N ASP B 44 -22.55 30.30 -5.51
CA ASP B 44 -22.92 29.30 -6.51
C ASP B 44 -22.65 29.74 -7.93
N VAL B 45 -22.56 28.75 -8.81
CA VAL B 45 -22.38 28.94 -10.24
C VAL B 45 -23.50 28.15 -10.91
N GLN B 46 -24.41 28.84 -11.59
CA GLN B 46 -25.34 28.17 -12.51
C GLN B 46 -24.63 27.95 -13.84
N LEU B 47 -24.94 26.84 -14.50
CA LEU B 47 -24.40 26.54 -15.82
C LEU B 47 -25.39 25.77 -16.66
N LYS B 48 -25.36 26.01 -17.97
CA LYS B 48 -26.07 25.18 -18.94
C LYS B 48 -25.16 23.99 -19.19
N VAL B 49 -25.68 22.77 -19.08
CA VAL B 49 -24.88 21.58 -19.36
C VAL B 49 -24.75 21.38 -20.88
N LEU B 50 -23.51 21.22 -21.36
CA LEU B 50 -23.24 21.02 -22.78
C LEU B 50 -23.04 19.54 -23.10
N TYR B 51 -22.18 18.86 -22.33
CA TYR B 51 -21.96 17.41 -22.48
C TYR B 51 -21.91 16.70 -21.11
N CYS B 52 -22.57 15.54 -21.06
CA CYS B 52 -22.68 14.72 -19.84
C CYS B 52 -22.01 13.39 -20.16
N GLY B 53 -20.80 13.22 -19.62
CA GLY B 53 -20.09 11.95 -19.76
C GLY B 53 -20.75 10.93 -18.87
N THR B 54 -20.70 9.68 -19.32
CA THR B 54 -21.48 8.59 -18.73
C THR B 54 -20.58 7.37 -18.50
N CYS B 55 -20.87 6.57 -17.47
CA CYS B 55 -20.12 5.32 -17.20
C CYS B 55 -20.87 4.30 -16.31
N GLN B 56 -20.17 3.25 -15.89
CA GLN B 56 -20.70 2.19 -15.04
C GLN B 56 -21.47 2.71 -13.82
N TYR B 57 -20.89 3.67 -13.10
CA TYR B 57 -21.51 4.29 -11.91
C TYR B 57 -22.96 4.69 -12.15
N ASP B 58 -23.24 5.29 -13.30
CA ASP B 58 -24.60 5.71 -13.63
C ASP B 58 -25.57 4.53 -13.73
N ARG B 59 -25.13 3.47 -14.42
CA ARG B 59 -25.96 2.29 -14.61
C ARG B 59 -26.21 1.60 -13.27
N GLU B 60 -25.17 1.52 -12.43
CA GLU B 60 -25.28 0.86 -11.12
C GLU B 60 -26.16 1.66 -10.16
N MET B 61 -26.01 2.99 -10.16
CA MET B 61 -26.89 3.84 -9.37
C MET B 61 -28.34 3.81 -9.85
N SER B 62 -28.53 3.82 -11.18
CA SER B 62 -29.88 3.75 -11.75
C SER B 62 -30.65 2.52 -11.29
N LYS B 63 -29.95 1.38 -11.13
CA LYS B 63 -30.57 0.12 -10.67
C LYS B 63 -30.48 -0.14 -9.15
N ASN B 64 -30.07 0.87 -8.37
CA ASN B 64 -29.95 0.78 -6.91
C ASN B 64 -28.98 -0.29 -6.43
N LYS B 65 -27.94 -0.64 -7.21
CA LYS B 65 -27.02 -1.76 -6.87
C LYS B 65 -26.54 -1.75 -5.41
N PHE B 66 -26.29 -0.56 -4.85
CA PHE B 66 -25.70 -0.39 -3.52
C PHE B 66 -26.68 -0.05 -2.38
N GLY B 67 -27.98 -0.01 -2.66
CA GLY B 67 -29.00 0.21 -1.65
C GLY B 67 -29.36 1.63 -1.27
N PHE B 68 -28.60 2.62 -1.76
CA PHE B 68 -28.72 4.00 -1.29
C PHE B 68 -29.23 5.00 -2.35
N THR B 69 -29.68 4.51 -3.50
CA THR B 69 -30.34 5.34 -4.50
C THR B 69 -31.79 5.67 -4.07
N SER B 70 -32.22 6.92 -4.20
CA SER B 70 -33.62 7.26 -3.98
C SER B 70 -34.28 7.78 -5.28
N TYR B 71 -35.54 7.40 -5.48
CA TYR B 71 -36.28 7.67 -6.72
C TYR B 71 -37.33 8.75 -6.49
N PRO B 72 -37.57 9.65 -7.46
CA PRO B 72 -36.96 9.62 -8.81
C PRO B 72 -35.48 10.03 -8.85
N TYR B 73 -34.73 9.38 -9.74
CA TYR B 73 -33.26 9.50 -9.84
C TYR B 73 -32.81 10.08 -11.19
N VAL B 74 -32.14 11.24 -11.14
CA VAL B 74 -31.56 11.88 -12.31
C VAL B 74 -30.05 11.64 -12.33
N LEU B 75 -29.58 10.93 -13.35
CA LEU B 75 -28.14 10.68 -13.54
C LEU B 75 -27.37 11.93 -13.93
N GLY B 76 -26.04 11.82 -13.88
CA GLY B 76 -25.15 12.82 -14.48
C GLY B 76 -24.06 13.27 -13.54
N HIS B 77 -22.87 12.66 -13.68
CA HIS B 77 -21.73 12.96 -12.78
C HIS B 77 -20.44 13.39 -13.47
N GLU B 78 -20.43 13.45 -14.80
CA GLU B 78 -19.27 13.94 -15.57
C GLU B 78 -19.81 15.05 -16.48
N ILE B 79 -19.53 16.31 -16.13
CA ILE B 79 -20.22 17.46 -16.67
C ILE B 79 -19.25 18.52 -17.19
N VAL B 80 -19.50 19.00 -18.40
CA VAL B 80 -18.94 20.25 -18.91
C VAL B 80 -20.08 21.16 -19.34
N GLY B 81 -19.88 22.46 -19.21
CA GLY B 81 -20.95 23.41 -19.46
C GLY B 81 -20.50 24.85 -19.59
N GLU B 82 -21.47 25.72 -19.82
CA GLU B 82 -21.25 27.15 -20.00
C GLU B 82 -21.92 27.87 -18.83
N VAL B 83 -21.19 28.77 -18.17
CA VAL B 83 -21.71 29.51 -17.00
C VAL B 83 -22.80 30.48 -17.43
N THR B 84 -23.97 30.37 -16.81
CA THR B 84 -25.14 31.23 -17.08
C THR B 84 -25.38 32.29 -15.99
N GLU B 85 -25.12 31.95 -14.73
CA GLU B 85 -25.13 32.93 -13.63
C GLU B 85 -24.00 32.65 -12.65
N VAL B 86 -23.51 33.69 -11.99
CA VAL B 86 -22.63 33.54 -10.81
C VAL B 86 -23.19 34.43 -9.68
N GLY B 87 -22.98 33.99 -8.44
CA GLY B 87 -23.39 34.76 -7.27
C GLY B 87 -22.53 35.98 -7.03
N SER B 88 -23.07 36.91 -6.24
CA SER B 88 -22.42 38.19 -5.93
C SER B 88 -20.98 38.11 -5.38
N LYS B 89 -20.63 37.00 -4.70
CA LYS B 89 -19.30 36.82 -4.13
C LYS B 89 -18.33 36.06 -5.06
N VAL B 90 -18.83 35.45 -6.14
CA VAL B 90 -17.99 34.62 -7.04
C VAL B 90 -17.08 35.47 -7.93
N GLN B 91 -15.77 35.33 -7.74
CA GLN B 91 -14.75 36.03 -8.55
C GLN B 91 -14.08 35.11 -9.60
N LYS B 92 -13.81 33.85 -9.23
CA LYS B 92 -13.07 32.91 -10.09
C LYS B 92 -13.70 32.70 -11.50
N PHE B 93 -15.04 32.76 -11.59
CA PHE B 93 -15.80 32.48 -12.84
C PHE B 93 -16.68 33.65 -13.24
N LYS B 94 -16.95 33.75 -14.55
CA LYS B 94 -17.85 34.76 -15.12
C LYS B 94 -18.83 34.09 -16.08
N VAL B 95 -19.93 34.78 -16.39
CA VAL B 95 -20.90 34.32 -17.38
C VAL B 95 -20.17 34.04 -18.70
N GLY B 96 -20.48 32.89 -19.33
CA GLY B 96 -19.87 32.51 -20.60
C GLY B 96 -18.67 31.59 -20.52
N ASP B 97 -18.07 31.45 -19.33
CA ASP B 97 -16.94 30.54 -19.12
C ASP B 97 -17.31 29.08 -19.32
N LYS B 98 -16.41 28.33 -19.95
CA LYS B 98 -16.53 26.88 -20.02
C LYS B 98 -16.02 26.28 -18.72
N VAL B 99 -16.83 25.39 -18.13
CA VAL B 99 -16.51 24.77 -16.84
C VAL B 99 -16.77 23.27 -16.83
N GLY B 100 -16.12 22.60 -15.90
CA GLY B 100 -16.33 21.21 -15.62
C GLY B 100 -16.82 21.01 -14.18
N VAL B 101 -17.59 19.95 -13.99
CA VAL B 101 -18.03 19.49 -12.68
C VAL B 101 -17.86 17.97 -12.61
N ALA B 102 -17.29 17.51 -11.50
CA ALA B 102 -17.06 16.08 -11.24
C ALA B 102 -18.12 15.51 -10.26
N SER B 103 -17.93 14.27 -9.82
CA SER B 103 -18.89 13.52 -8.99
C SER B 103 -19.20 14.18 -7.66
N ILE B 104 -18.16 14.64 -6.97
CA ILE B 104 -18.28 15.24 -5.64
C ILE B 104 -18.45 16.74 -5.77
N ILE B 105 -19.56 17.26 -5.24
CA ILE B 105 -19.89 18.71 -5.26
C ILE B 105 -20.07 19.39 -3.88
N GLU B 106 -20.09 18.61 -2.79
CA GLU B 106 -20.01 19.19 -1.44
C GLU B 106 -19.33 18.23 -0.46
N THR B 107 -18.70 18.81 0.56
CA THR B 107 -18.10 18.06 1.68
C THR B 107 -18.33 18.84 2.97
N CYS B 108 -17.92 18.27 4.09
CA CYS B 108 -18.19 18.88 5.39
C CYS B 108 -17.37 20.17 5.63
N GLY B 109 -16.13 20.22 5.12
CA GLY B 109 -15.25 21.40 5.29
C GLY B 109 -14.38 21.47 6.55
N LYS B 110 -14.72 20.69 7.60
CA LYS B 110 -14.06 20.71 8.92
C LYS B 110 -13.04 19.56 9.15
N CYS B 111 -13.28 18.39 8.56
CA CYS B 111 -12.47 17.20 8.83
C CYS B 111 -11.02 17.31 8.31
N GLU B 112 -10.18 16.36 8.73
CA GLU B 112 -8.76 16.31 8.30
C GLU B 112 -8.62 16.20 6.77
N MET B 113 -9.48 15.40 6.15
CA MET B 113 -9.45 15.23 4.70
C MET B 113 -9.85 16.54 3.99
N CYS B 114 -10.84 17.23 4.55
CA CYS B 114 -11.28 18.52 4.01
C CYS B 114 -10.21 19.61 4.15
N THR B 115 -9.64 19.76 5.35
CA THR B 115 -8.62 20.82 5.57
C THR B 115 -7.28 20.52 4.88
N ASN B 116 -6.97 19.26 4.59
CA ASN B 116 -5.74 18.94 3.83
C ASN B 116 -5.93 18.80 2.32
N GLU B 117 -7.07 19.33 1.82
CA GLU B 117 -7.35 19.40 0.38
C GLU B 117 -7.38 18.03 -0.32
N VAL B 118 -7.78 16.99 0.43
CA VAL B 118 -8.05 15.67 -0.15
C VAL B 118 -9.50 15.32 0.21
N GLU B 119 -10.36 16.29 -0.07
CA GLU B 119 -11.76 16.27 0.37
C GLU B 119 -12.63 15.26 -0.39
N ASN B 120 -12.11 14.69 -1.46
CA ASN B 120 -12.77 13.53 -2.09
C ASN B 120 -12.90 12.35 -1.13
N TYR B 121 -12.06 12.32 -0.10
CA TYR B 121 -12.13 11.30 0.95
C TYR B 121 -12.88 11.74 2.21
N CYS B 122 -13.61 12.84 2.14
CA CYS B 122 -14.45 13.29 3.27
C CYS B 122 -15.50 12.23 3.55
N PRO B 123 -15.61 11.77 4.82
CA PRO B 123 -16.68 10.82 5.15
C PRO B 123 -18.10 11.27 4.80
N GLU B 124 -18.34 12.59 4.75
CA GLU B 124 -19.66 13.15 4.48
C GLU B 124 -19.77 13.77 3.07
N ALA B 125 -18.90 13.33 2.16
CA ALA B 125 -18.91 13.82 0.77
C ALA B 125 -20.28 13.59 0.13
N GLY B 126 -20.78 14.61 -0.54
CA GLY B 126 -22.08 14.56 -1.21
C GLY B 126 -21.88 14.53 -2.70
N SER B 127 -22.44 13.52 -3.34
CA SER B 127 -22.28 13.34 -4.78
C SER B 127 -23.34 14.16 -5.54
N ILE B 128 -22.93 14.71 -6.68
CA ILE B 128 -23.81 15.45 -7.61
C ILE B 128 -25.16 14.81 -7.93
N ASP B 129 -25.20 13.48 -8.01
CA ASP B 129 -26.45 12.77 -8.33
C ASP B 129 -27.38 12.47 -7.13
N SER B 130 -26.94 12.78 -5.91
CA SER B 130 -27.78 12.61 -4.70
C SER B 130 -28.97 13.56 -4.64
N ASN B 131 -28.76 14.82 -5.04
CA ASN B 131 -29.86 15.79 -5.14
C ASN B 131 -30.05 16.18 -6.63
N TYR B 132 -30.33 15.15 -7.44
CA TYR B 132 -30.55 15.26 -8.90
C TYR B 132 -29.26 15.54 -9.69
N GLY B 133 -28.82 14.55 -10.47
CA GLY B 133 -27.64 14.69 -11.30
C GLY B 133 -27.83 15.64 -12.45
N ALA B 134 -26.74 15.85 -13.20
CA ALA B 134 -26.70 16.91 -14.22
C ALA B 134 -26.83 16.44 -15.68
N CYS B 135 -27.51 15.31 -15.90
CA CYS B 135 -28.10 15.02 -17.22
C CYS B 135 -29.40 15.80 -17.25
N SER B 136 -29.25 17.11 -17.43
CA SER B 136 -30.32 18.07 -17.25
C SER B 136 -29.89 19.38 -17.91
N ASN B 137 -30.85 20.23 -18.22
CA ASN B 137 -30.55 21.48 -18.95
C ASN B 137 -29.62 22.41 -18.17
N ILE B 138 -29.80 22.47 -16.85
CA ILE B 138 -29.00 23.35 -15.99
C ILE B 138 -28.52 22.63 -14.73
N ALA B 139 -27.40 23.10 -14.19
CA ALA B 139 -26.92 22.68 -12.89
C ALA B 139 -26.50 23.92 -12.11
N VAL B 140 -26.50 23.81 -10.80
CA VAL B 140 -26.04 24.88 -9.93
C VAL B 140 -25.14 24.27 -8.86
N ILE B 141 -23.90 24.74 -8.80
CA ILE B 141 -22.83 24.08 -8.04
C ILE B 141 -22.02 25.14 -7.28
N ASN B 142 -21.66 24.84 -6.04
CA ASN B 142 -20.81 25.75 -5.26
C ASN B 142 -19.49 25.97 -6.00
N GLU B 143 -19.01 27.20 -6.03
CA GLU B 143 -17.83 27.56 -6.84
C GLU B 143 -16.58 26.69 -6.57
N ASN B 144 -16.37 26.30 -5.30
CA ASN B 144 -15.19 25.49 -4.92
C ASN B 144 -15.14 24.07 -5.50
N PHE B 145 -16.27 23.61 -6.04
CA PHE B 145 -16.37 22.34 -6.77
C PHE B 145 -16.60 22.48 -8.28
N VAL B 146 -16.22 23.63 -8.85
CA VAL B 146 -16.24 23.85 -10.29
C VAL B 146 -14.80 24.09 -10.75
N ILE B 147 -14.44 23.52 -11.91
CA ILE B 147 -13.12 23.75 -12.52
C ILE B 147 -13.21 24.55 -13.82
N ARG B 148 -12.20 25.39 -14.07
CA ARG B 148 -12.15 26.21 -15.30
C ARG B 148 -11.69 25.26 -16.39
N TRP B 149 -12.50 25.13 -17.45
CA TRP B 149 -12.17 24.23 -18.54
C TRP B 149 -11.10 24.86 -19.43
N PRO B 150 -9.96 24.17 -19.67
CA PRO B 150 -8.94 24.77 -20.55
C PRO B 150 -9.45 24.95 -21.99
N GLU B 151 -8.99 26.00 -22.67
CA GLU B 151 -9.47 26.32 -24.04
C GLU B 151 -9.06 25.27 -25.08
N ASN B 152 -7.85 24.70 -24.93
CA ASN B 152 -7.34 23.74 -25.93
C ASN B 152 -7.90 22.32 -25.81
N LEU B 153 -8.78 22.05 -24.85
CA LEU B 153 -9.38 20.72 -24.69
C LEU B 153 -10.81 20.68 -25.24
N PRO B 154 -11.08 19.75 -26.17
CA PRO B 154 -12.46 19.59 -26.59
C PRO B 154 -13.39 19.17 -25.41
N LEU B 155 -14.62 19.69 -25.42
CA LEU B 155 -15.57 19.49 -24.35
C LEU B 155 -16.14 18.06 -24.39
N ASP B 156 -16.43 17.55 -25.58
CA ASP B 156 -17.07 16.23 -25.75
C ASP B 156 -16.13 15.10 -25.40
N SER B 157 -14.93 15.07 -25.99
CA SER B 157 -13.96 14.00 -25.73
C SER B 157 -13.16 14.24 -24.46
N GLY B 158 -13.22 15.47 -23.94
CA GLY B 158 -12.58 15.79 -22.67
C GLY B 158 -13.39 15.45 -21.44
N VAL B 159 -14.71 15.52 -21.51
CA VAL B 159 -15.54 15.37 -20.30
C VAL B 159 -15.29 14.09 -19.47
N PRO B 160 -15.03 12.94 -20.11
CA PRO B 160 -14.69 11.79 -19.28
C PRO B 160 -13.41 11.87 -18.45
N LEU B 161 -12.53 12.83 -18.74
CA LEU B 161 -11.35 13.01 -17.92
C LEU B 161 -11.73 13.35 -16.47
N LEU B 162 -12.95 13.87 -16.27
CA LEU B 162 -13.45 14.23 -14.93
C LEU B 162 -13.84 13.03 -14.06
N CYS B 163 -13.91 11.85 -14.67
CA CYS B 163 -14.17 10.61 -13.95
C CYS B 163 -12.97 9.66 -14.14
N ALA B 164 -12.80 9.11 -15.34
CA ALA B 164 -11.69 8.20 -15.66
C ALA B 164 -10.30 8.81 -15.54
N GLY B 165 -10.18 10.06 -15.98
CA GLY B 165 -8.90 10.74 -15.97
C GLY B 165 -8.41 10.98 -14.55
N ILE B 166 -9.25 11.62 -13.74
CA ILE B 166 -8.86 11.90 -12.36
C ILE B 166 -8.62 10.62 -11.55
N THR B 167 -9.44 9.60 -11.80
CA THR B 167 -9.29 8.29 -11.14
C THR B 167 -7.90 7.70 -11.34
N ALA B 168 -7.37 7.80 -12.56
CA ALA B 168 -6.01 7.39 -12.83
C ALA B 168 -5.01 8.41 -12.30
N TYR B 169 -5.25 9.68 -12.58
CA TYR B 169 -4.30 10.72 -12.26
C TYR B 169 -3.95 10.82 -10.77
N SER B 170 -4.97 10.81 -9.93
CA SER B 170 -4.77 11.05 -8.49
C SER B 170 -3.76 10.08 -7.86
N PRO B 171 -3.98 8.76 -7.99
CA PRO B 171 -3.03 7.84 -7.38
C PRO B 171 -1.67 7.83 -8.08
N MET B 172 -1.65 8.09 -9.38
CA MET B 172 -0.36 8.24 -10.07
C MET B 172 0.51 9.37 -9.46
N LYS B 173 -0.11 10.49 -9.12
CA LYS B 173 0.61 11.53 -8.37
C LYS B 173 0.91 11.08 -6.95
N ARG B 174 -0.10 10.58 -6.24
CA ARG B 174 0.09 10.25 -4.82
C ARG B 174 1.18 9.20 -4.58
N TYR B 175 1.24 8.17 -5.41
CA TYR B 175 2.20 7.09 -5.19
C TYR B 175 3.48 7.19 -6.07
N GLY B 176 3.74 8.36 -6.67
CA GLY B 176 5.01 8.61 -7.40
C GLY B 176 5.18 7.80 -8.67
N LEU B 177 4.08 7.52 -9.37
CA LEU B 177 4.10 6.80 -10.65
C LEU B 177 3.90 7.78 -11.79
N ASP B 178 4.61 8.90 -11.70
CA ASP B 178 4.35 10.05 -12.53
C ASP B 178 5.63 10.72 -13.02
N LYS B 179 6.75 9.98 -13.08
CA LYS B 179 8.07 10.56 -13.38
C LYS B 179 8.67 9.89 -14.63
N PRO B 180 9.50 10.64 -15.40
CA PRO B 180 10.05 10.07 -16.63
C PRO B 180 10.91 8.85 -16.33
N GLY B 181 10.78 7.83 -17.16
CA GLY B 181 11.56 6.60 -16.99
C GLY B 181 11.03 5.59 -15.98
N LYS B 182 9.95 5.91 -15.27
CA LYS B 182 9.24 4.91 -14.49
C LYS B 182 8.70 3.83 -15.42
N ARG B 183 8.79 2.59 -14.97
CA ARG B 183 8.21 1.47 -15.68
C ARG B 183 6.84 1.18 -15.08
N ILE B 184 5.80 1.52 -15.83
CA ILE B 184 4.46 1.45 -15.34
C ILE B 184 3.63 0.47 -16.14
N GLY B 185 3.06 -0.52 -15.47
CA GLY B 185 2.10 -1.40 -16.08
C GLY B 185 0.70 -0.81 -16.10
N ILE B 186 -0.07 -1.12 -17.14
CA ILE B 186 -1.50 -0.83 -17.16
C ILE B 186 -2.19 -2.19 -17.40
N ALA B 187 -2.96 -2.64 -16.42
CA ALA B 187 -3.71 -3.87 -16.51
C ALA B 187 -5.15 -3.55 -16.91
N GLY B 188 -5.58 -4.09 -18.06
CA GLY B 188 -6.88 -3.82 -18.61
C GLY B 188 -6.78 -2.66 -19.58
N LEU B 189 -7.43 -2.80 -20.72
CA LEU B 189 -7.40 -1.76 -21.71
C LEU B 189 -8.79 -1.60 -22.26
N GLY B 190 -9.69 -1.22 -21.37
CA GLY B 190 -11.00 -0.73 -21.73
C GLY B 190 -10.84 0.79 -21.80
N GLY B 191 -11.94 1.52 -21.66
CA GLY B 191 -11.93 2.98 -21.51
C GLY B 191 -10.98 3.47 -20.46
N LEU B 192 -11.11 2.94 -19.23
CA LEU B 192 -10.40 3.49 -18.08
C LEU B 192 -8.92 3.28 -18.32
N GLY B 193 -8.57 2.08 -18.79
CA GLY B 193 -7.18 1.72 -19.05
C GLY B 193 -6.53 2.54 -20.16
N HIS B 194 -7.28 2.78 -21.23
CA HIS B 194 -6.82 3.69 -22.30
C HIS B 194 -6.48 5.11 -21.79
N VAL B 195 -7.31 5.61 -20.88
CA VAL B 195 -7.07 6.92 -20.31
C VAL B 195 -5.82 6.87 -19.44
N ALA B 196 -5.72 5.85 -18.59
CA ALA B 196 -4.58 5.75 -17.69
C ALA B 196 -3.30 5.64 -18.49
N LEU B 197 -3.37 4.87 -19.56
CA LEU B 197 -2.25 4.70 -20.47
C LEU B 197 -1.74 6.03 -21.04
N ARG B 198 -2.67 6.86 -21.49
CA ARG B 198 -2.32 8.18 -22.01
C ARG B 198 -1.70 9.11 -20.97
N PHE B 199 -2.14 9.04 -19.73
CA PHE B 199 -1.46 9.79 -18.68
C PHE B 199 -0.05 9.28 -18.45
N ALA B 200 0.11 7.97 -18.35
CA ALA B 200 1.45 7.38 -18.10
C ALA B 200 2.46 7.78 -19.17
N LYS B 201 2.00 7.80 -20.43
CA LYS B 201 2.82 8.25 -21.54
C LYS B 201 3.22 9.70 -21.41
N ALA B 202 2.25 10.55 -21.09
CA ALA B 202 2.45 11.97 -20.92
C ALA B 202 3.45 12.32 -19.81
N PHE B 203 3.49 11.49 -18.78
CA PHE B 203 4.49 11.61 -17.72
C PHE B 203 5.89 11.15 -18.16
N GLY B 204 6.02 10.60 -19.37
CA GLY B 204 7.28 10.06 -19.89
C GLY B 204 7.65 8.67 -19.37
N ALA B 205 6.66 7.92 -18.90
CA ALA B 205 6.89 6.56 -18.44
C ALA B 205 7.15 5.61 -19.61
N LYS B 206 7.93 4.55 -19.37
CA LYS B 206 7.96 3.35 -20.21
C LYS B 206 6.74 2.47 -19.82
N VAL B 207 5.78 2.33 -20.72
CA VAL B 207 4.48 1.72 -20.37
C VAL B 207 4.31 0.32 -20.91
N THR B 208 3.98 -0.60 -20.02
CA THR B 208 3.65 -1.95 -20.39
C THR B 208 2.16 -2.14 -20.23
N VAL B 209 1.48 -2.63 -21.27
CA VAL B 209 0.09 -3.02 -21.15
C VAL B 209 0.03 -4.51 -20.86
N ILE B 210 -0.79 -4.87 -19.87
CA ILE B 210 -0.98 -6.23 -19.43
C ILE B 210 -2.44 -6.55 -19.75
N SER B 211 -2.64 -7.55 -20.58
CA SER B 211 -3.95 -7.86 -21.05
C SER B 211 -4.08 -9.35 -21.11
N SER B 212 -5.32 -9.85 -21.10
CA SER B 212 -5.57 -11.30 -21.13
C SER B 212 -5.64 -11.88 -22.54
N SER B 213 -5.47 -11.04 -23.56
CA SER B 213 -5.68 -11.42 -24.95
C SER B 213 -4.76 -10.66 -25.92
N LEU B 214 -4.23 -11.38 -26.90
CA LEU B 214 -3.45 -10.79 -28.01
C LEU B 214 -4.27 -9.90 -28.93
N LYS B 215 -5.60 -10.04 -28.90
CA LYS B 215 -6.49 -9.19 -29.71
C LYS B 215 -6.25 -7.69 -29.41
N LYS B 216 -5.78 -7.37 -28.20
CA LYS B 216 -5.51 -5.99 -27.77
C LYS B 216 -4.10 -5.41 -28.05
N LYS B 217 -3.19 -6.20 -28.60
CA LYS B 217 -1.80 -5.76 -28.78
C LYS B 217 -1.68 -4.53 -29.72
N ARG B 218 -2.33 -4.58 -30.89
CA ARG B 218 -2.28 -3.47 -31.89
C ARG B 218 -2.83 -2.13 -31.32
N GLU B 219 -3.96 -2.25 -30.65
CA GLU B 219 -4.61 -1.13 -29.97
C GLU B 219 -3.72 -0.54 -28.87
N ALA B 220 -3.04 -1.39 -28.12
CA ALA B 220 -2.04 -0.93 -27.16
C ALA B 220 -0.93 -0.09 -27.80
N PHE B 221 -0.32 -0.61 -28.87
CA PHE B 221 0.83 0.03 -29.52
C PHE B 221 0.43 1.30 -30.28
N GLU B 222 -0.82 1.43 -30.71
CA GLU B 222 -1.18 2.51 -31.63
C GLU B 222 -0.94 3.95 -31.10
N LYS B 223 -0.57 4.83 -32.03
CA LYS B 223 -0.37 6.28 -31.78
C LYS B 223 0.59 6.57 -30.62
N PHE B 224 1.83 6.06 -30.68
CA PHE B 224 2.83 6.29 -29.61
C PHE B 224 2.29 5.91 -28.22
N GLY B 225 1.76 4.68 -28.16
CA GLY B 225 1.17 4.16 -26.93
C GLY B 225 2.23 3.33 -26.25
N ALA B 226 1.87 2.09 -25.97
CA ALA B 226 2.66 1.22 -25.14
C ALA B 226 4.04 0.93 -25.68
N ASP B 227 5.01 0.83 -24.78
CA ASP B 227 6.36 0.38 -25.12
C ASP B 227 6.47 -1.13 -25.10
N SER B 228 5.62 -1.81 -24.31
CA SER B 228 5.61 -3.27 -24.25
C SER B 228 4.19 -3.77 -24.01
N PHE B 229 3.98 -5.03 -24.35
CA PHE B 229 2.72 -5.68 -24.18
C PHE B 229 2.99 -7.07 -23.61
N LEU B 230 2.22 -7.43 -22.57
CA LEU B 230 2.25 -8.74 -21.89
C LEU B 230 0.89 -9.38 -21.94
N VAL B 231 0.84 -10.61 -22.43
CA VAL B 231 -0.37 -11.42 -22.39
C VAL B 231 -0.32 -12.16 -21.06
N SER B 232 -1.28 -11.88 -20.15
CA SER B 232 -1.28 -12.49 -18.81
C SER B 232 -1.48 -14.02 -18.79
N SER B 233 -2.07 -14.59 -19.84
CA SER B 233 -2.22 -16.03 -19.94
C SER B 233 -0.97 -16.73 -20.54
N ASN B 234 0.06 -15.98 -20.91
CA ASN B 234 1.33 -16.53 -21.40
C ASN B 234 2.35 -16.56 -20.25
N PRO B 235 2.62 -17.74 -19.66
CA PRO B 235 3.47 -17.75 -18.49
C PRO B 235 4.94 -17.41 -18.76
N GLU B 236 5.42 -17.67 -19.97
CA GLU B 236 6.78 -17.31 -20.35
C GLU B 236 6.97 -15.78 -20.39
N GLU B 237 6.05 -15.07 -21.02
CA GLU B 237 6.08 -13.60 -21.07
C GLU B 237 5.96 -12.98 -19.66
N MET B 238 5.04 -13.46 -18.84
CA MET B 238 4.81 -12.90 -17.52
C MET B 238 6.02 -13.10 -16.64
N GLN B 239 6.60 -14.29 -16.68
CA GLN B 239 7.82 -14.61 -15.96
C GLN B 239 9.03 -13.75 -16.37
N GLY B 240 9.17 -13.53 -17.69
CA GLY B 240 10.24 -12.70 -18.25
C GLY B 240 10.21 -11.27 -17.72
N ALA B 241 9.02 -10.77 -17.39
CA ALA B 241 8.85 -9.44 -16.83
C ALA B 241 8.79 -9.40 -15.27
N ALA B 242 9.06 -10.52 -14.59
CA ALA B 242 9.04 -10.54 -13.12
C ALA B 242 9.97 -9.48 -12.54
N GLY B 243 9.48 -8.78 -11.52
CA GLY B 243 10.29 -7.83 -10.79
C GLY B 243 10.81 -6.63 -11.57
N THR B 244 10.09 -6.21 -12.62
CA THR B 244 10.55 -5.14 -13.52
C THR B 244 9.83 -3.80 -13.40
N LEU B 245 8.61 -3.80 -12.86
CA LEU B 245 7.77 -2.58 -12.86
C LEU B 245 7.80 -1.78 -11.57
N ASP B 246 7.84 -0.46 -11.70
CA ASP B 246 7.76 0.43 -10.53
C ASP B 246 6.37 0.45 -10.01
N GLY B 247 5.38 0.36 -10.89
CA GLY B 247 4.00 0.30 -10.47
C GLY B 247 3.07 -0.16 -11.55
N ILE B 248 1.86 -0.54 -11.17
CA ILE B 248 0.82 -1.04 -12.08
C ILE B 248 -0.43 -0.31 -11.71
N ILE B 249 -1.11 0.22 -12.71
CA ILE B 249 -2.47 0.70 -12.53
C ILE B 249 -3.40 -0.39 -12.97
N ASP B 250 -4.10 -0.97 -12.03
CA ASP B 250 -5.01 -2.10 -12.31
C ASP B 250 -6.43 -1.57 -12.55
N THR B 251 -6.87 -1.57 -13.81
CA THR B 251 -8.20 -1.09 -14.18
C THR B 251 -9.20 -2.21 -14.43
N ILE B 252 -8.84 -3.45 -14.12
CA ILE B 252 -9.68 -4.58 -14.50
C ILE B 252 -10.95 -4.56 -13.63
N PRO B 253 -12.14 -4.50 -14.27
CA PRO B 253 -13.39 -4.31 -13.52
C PRO B 253 -14.00 -5.58 -12.90
N GLY B 254 -13.74 -6.74 -13.51
CA GLY B 254 -14.26 -8.02 -13.02
C GLY B 254 -13.25 -8.81 -12.21
N ASN B 255 -13.65 -10.01 -11.79
CA ASN B 255 -12.86 -10.83 -10.89
C ASN B 255 -11.52 -11.18 -11.48
N HIS B 256 -10.46 -11.01 -10.71
CA HIS B 256 -9.13 -11.42 -11.13
C HIS B 256 -8.23 -11.54 -9.91
N SER B 257 -7.14 -12.29 -10.07
CA SER B 257 -6.14 -12.43 -9.04
C SER B 257 -5.12 -11.31 -9.18
N LEU B 258 -4.65 -10.83 -8.04
CA LEU B 258 -3.58 -9.85 -7.97
C LEU B 258 -2.15 -10.45 -7.96
N GLU B 259 -2.02 -11.74 -7.69
CA GLU B 259 -0.68 -12.38 -7.63
C GLU B 259 0.20 -12.23 -8.85
N PRO B 260 -0.36 -12.44 -10.06
CA PRO B 260 0.50 -12.24 -11.25
C PRO B 260 0.94 -10.78 -11.48
N LEU B 261 0.10 -9.83 -11.08
CA LEU B 261 0.45 -8.41 -11.14
C LEU B 261 1.50 -8.07 -10.11
N LEU B 262 1.29 -8.52 -8.87
CA LEU B 262 2.30 -8.28 -7.82
C LEU B 262 3.67 -8.83 -8.20
N ALA B 263 3.71 -9.97 -8.90
CA ALA B 263 4.99 -10.57 -9.32
C ALA B 263 5.75 -9.71 -10.35
N LEU B 264 5.04 -8.89 -11.12
CA LEU B 264 5.68 -7.98 -12.10
C LEU B 264 6.35 -6.80 -11.42
N LEU B 265 5.96 -6.48 -10.19
CA LEU B 265 6.51 -5.32 -9.50
C LEU B 265 7.92 -5.57 -9.02
N LYS B 266 8.75 -4.52 -9.14
CA LYS B 266 10.01 -4.43 -8.38
C LYS B 266 9.72 -4.47 -6.90
N PRO B 267 10.73 -4.83 -6.10
CA PRO B 267 10.60 -4.63 -4.67
C PRO B 267 10.24 -3.17 -4.35
N LEU B 268 9.38 -3.01 -3.36
CA LEU B 268 8.81 -1.71 -2.98
C LEU B 268 7.85 -1.11 -4.01
N GLY B 269 7.52 -1.85 -5.07
CA GLY B 269 6.63 -1.34 -6.13
C GLY B 269 5.19 -1.29 -5.66
N LYS B 270 4.33 -0.62 -6.43
CA LYS B 270 2.96 -0.36 -5.99
C LYS B 270 1.93 -0.79 -7.01
N LEU B 271 0.92 -1.51 -6.53
CA LEU B 271 -0.20 -1.92 -7.34
C LEU B 271 -1.37 -1.08 -6.93
N ILE B 272 -1.94 -0.35 -7.86
CA ILE B 272 -3.05 0.54 -7.57
C ILE B 272 -4.31 -0.06 -8.15
N ILE B 273 -5.30 -0.31 -7.30
CA ILE B 273 -6.53 -0.95 -7.71
C ILE B 273 -7.62 0.08 -7.89
N LEU B 274 -8.20 0.13 -9.10
CA LEU B 274 -9.25 1.09 -9.44
C LEU B 274 -10.64 0.50 -9.69
N GLY B 275 -10.73 -0.78 -10.01
CA GLY B 275 -12.04 -1.44 -10.20
C GLY B 275 -12.58 -2.04 -8.91
N ALA B 276 -13.85 -2.45 -8.94
CA ALA B 276 -14.54 -2.98 -7.77
C ALA B 276 -15.18 -4.31 -8.13
N PRO B 277 -14.35 -5.36 -8.34
CA PRO B 277 -14.91 -6.69 -8.64
C PRO B 277 -15.72 -7.26 -7.49
N GLU B 278 -16.69 -8.11 -7.83
CA GLU B 278 -17.57 -8.75 -6.86
C GLU B 278 -16.81 -9.72 -5.94
N MET B 279 -15.87 -10.51 -6.47
CA MET B 279 -15.14 -11.49 -5.66
C MET B 279 -14.00 -10.79 -4.91
N PRO B 280 -13.84 -11.06 -3.61
CA PRO B 280 -12.68 -10.60 -2.90
C PRO B 280 -11.38 -11.11 -3.49
N PHE B 281 -10.35 -10.31 -3.39
CA PHE B 281 -9.05 -10.71 -3.84
C PHE B 281 -8.48 -11.68 -2.81
N GLU B 282 -7.80 -12.71 -3.30
CA GLU B 282 -7.07 -13.63 -2.48
C GLU B 282 -5.60 -13.19 -2.52
N VAL B 283 -5.02 -12.83 -1.37
CA VAL B 283 -3.68 -12.25 -1.32
C VAL B 283 -2.85 -13.06 -0.34
N PRO B 284 -2.01 -13.96 -0.85
CA PRO B 284 -1.13 -14.65 0.07
C PRO B 284 -0.11 -13.68 0.61
N ALA B 285 0.25 -13.83 1.87
CA ALA B 285 1.15 -12.89 2.50
C ALA B 285 2.47 -12.82 1.76
N PRO B 286 3.03 -13.97 1.28
CA PRO B 286 4.28 -13.93 0.52
C PRO B 286 4.25 -13.08 -0.74
N SER B 287 3.09 -12.93 -1.37
CA SER B 287 3.03 -12.13 -2.60
C SER B 287 3.31 -10.63 -2.34
N LEU B 288 3.11 -10.18 -1.10
CA LEU B 288 3.52 -8.84 -0.66
C LEU B 288 4.83 -8.84 0.12
N LEU B 289 5.01 -9.83 0.98
CA LEU B 289 6.22 -9.91 1.79
C LEU B 289 7.51 -9.99 0.96
N MET B 290 7.50 -10.83 -0.07
CA MET B 290 8.66 -11.02 -0.94
C MET B 290 8.84 -9.72 -1.74
N GLY B 291 9.74 -8.87 -1.27
CA GLY B 291 9.99 -7.61 -1.93
C GLY B 291 9.29 -6.41 -1.33
N GLY B 292 8.50 -6.59 -0.28
CA GLY B 292 7.95 -5.44 0.45
C GLY B 292 7.05 -4.59 -0.43
N LYS B 293 6.14 -5.26 -1.11
CA LYS B 293 5.25 -4.62 -2.06
C LYS B 293 4.01 -3.98 -1.45
N VAL B 294 3.43 -3.07 -2.20
CA VAL B 294 2.33 -2.23 -1.76
C VAL B 294 1.15 -2.46 -2.67
N MET B 295 -0.04 -2.60 -2.09
CA MET B 295 -1.26 -2.49 -2.86
C MET B 295 -2.18 -1.46 -2.22
N ALA B 296 -2.74 -0.60 -3.04
CA ALA B 296 -3.57 0.49 -2.59
C ALA B 296 -4.72 0.61 -3.55
N ALA B 297 -5.84 1.13 -3.08
CA ALA B 297 -6.93 1.50 -3.96
C ALA B 297 -7.08 3.02 -3.94
N SER B 298 -7.96 3.54 -4.80
CA SER B 298 -8.15 4.97 -4.90
C SER B 298 -9.49 5.24 -5.55
N THR B 299 -10.15 6.32 -5.12
CA THR B 299 -11.40 6.77 -5.74
C THR B 299 -11.26 8.21 -6.12
N ALA B 300 -11.73 8.52 -7.32
CA ALA B 300 -11.79 9.87 -7.86
C ALA B 300 -10.54 10.72 -7.50
N GLY B 301 -10.72 11.99 -7.17
CA GLY B 301 -9.63 12.85 -6.71
C GLY B 301 -10.15 14.16 -6.16
N SER B 302 -9.26 14.93 -5.54
CA SER B 302 -9.60 16.21 -4.96
C SER B 302 -9.81 17.27 -6.03
N MET B 303 -10.35 18.42 -5.61
CA MET B 303 -10.51 19.55 -6.53
C MET B 303 -9.16 20.10 -7.00
N LYS B 304 -8.20 20.20 -6.10
CA LYS B 304 -6.84 20.62 -6.46
C LYS B 304 -6.22 19.67 -7.49
N GLU B 305 -6.45 18.37 -7.31
CA GLU B 305 -5.93 17.36 -8.24
C GLU B 305 -6.63 17.43 -9.59
N ILE B 306 -7.97 17.59 -9.61
CA ILE B 306 -8.72 17.68 -10.87
C ILE B 306 -8.28 18.89 -11.67
N GLN B 307 -8.03 20.01 -11.00
CA GLN B 307 -7.57 21.21 -11.69
C GLN B 307 -6.21 20.97 -12.33
N GLU B 308 -5.27 20.47 -11.54
CA GLU B 308 -3.91 20.19 -12.04
C GLU B 308 -3.98 19.16 -13.20
N MET B 309 -4.86 18.15 -13.04
CA MET B 309 -5.06 17.06 -13.99
C MET B 309 -5.56 17.58 -15.34
N ILE B 310 -6.57 18.44 -15.33
CA ILE B 310 -7.17 18.94 -16.58
C ILE B 310 -6.23 19.87 -17.37
N GLU B 311 -5.41 20.64 -16.67
CA GLU B 311 -4.39 21.46 -17.32
C GLU B 311 -3.30 20.59 -17.92
N PHE B 312 -2.96 19.51 -17.25
CA PHE B 312 -1.97 18.57 -17.75
C PHE B 312 -2.50 17.86 -19.02
N ALA B 313 -3.76 17.41 -18.97
CA ALA B 313 -4.45 16.87 -20.15
C ALA B 313 -4.37 17.80 -21.34
N ALA B 314 -4.70 19.07 -21.11
CA ALA B 314 -4.65 20.11 -22.15
C ALA B 314 -3.27 20.30 -22.73
N GLU B 315 -2.28 20.47 -21.87
CA GLU B 315 -0.86 20.54 -22.27
C GLU B 315 -0.42 19.36 -23.13
N HIS B 316 -0.82 18.15 -22.73
CA HIS B 316 -0.33 16.93 -23.36
C HIS B 316 -1.36 16.33 -24.37
N ASN B 317 -2.44 17.06 -24.65
CA ASN B 317 -3.46 16.67 -25.63
C ASN B 317 -4.08 15.29 -25.37
N ILE B 318 -4.48 15.10 -24.13
CA ILE B 318 -5.06 13.86 -23.68
C ILE B 318 -6.55 14.06 -23.72
N VAL B 319 -7.22 13.18 -24.43
CA VAL B 319 -8.68 13.07 -24.41
C VAL B 319 -9.06 11.60 -24.28
N ALA B 320 -10.34 11.35 -23.99
CA ALA B 320 -10.90 10.00 -24.06
C ALA B 320 -11.39 9.75 -25.45
N ASP B 321 -11.48 8.48 -25.81
CA ASP B 321 -12.18 8.03 -27.00
C ASP B 321 -13.65 7.99 -26.62
N VAL B 322 -14.48 8.70 -27.37
CA VAL B 322 -15.89 8.80 -27.04
C VAL B 322 -16.80 8.42 -28.19
N GLU B 323 -18.01 8.01 -27.82
CA GLU B 323 -19.12 7.88 -28.75
C GLU B 323 -20.13 8.91 -28.25
N VAL B 324 -20.43 9.89 -29.09
CA VAL B 324 -21.36 10.96 -28.70
C VAL B 324 -22.75 10.51 -29.11
N ILE B 325 -23.72 10.78 -28.24
CA ILE B 325 -25.09 10.28 -28.38
C ILE B 325 -26.09 11.40 -28.11
N SER B 326 -27.30 11.27 -28.62
CA SER B 326 -28.40 12.17 -28.24
C SER B 326 -29.12 11.67 -26.97
N ILE B 327 -29.94 12.54 -26.38
CA ILE B 327 -30.71 12.26 -25.15
C ILE B 327 -31.62 11.02 -25.30
N ASP B 328 -32.12 10.82 -26.52
CA ASP B 328 -32.96 9.66 -26.83
C ASP B 328 -32.28 8.31 -26.66
N TYR B 329 -30.99 8.28 -26.93
CA TYR B 329 -30.21 7.03 -26.88
C TYR B 329 -29.68 6.63 -25.47
N VAL B 330 -29.99 7.41 -24.43
CA VAL B 330 -29.42 7.15 -23.08
C VAL B 330 -29.78 5.77 -22.50
N ASN B 331 -31.03 5.33 -22.63
CA ASN B 331 -31.43 4.00 -22.15
C ASN B 331 -30.63 2.88 -22.81
N THR B 332 -30.50 2.93 -24.14
CA THR B 332 -29.75 1.93 -24.89
C THR B 332 -28.26 1.95 -24.53
N ALA B 333 -27.70 3.15 -24.39
CA ALA B 333 -26.31 3.30 -23.96
C ALA B 333 -26.04 2.60 -22.61
N MET B 334 -26.97 2.78 -21.69
CA MET B 334 -26.90 2.22 -20.33
C MET B 334 -26.80 0.72 -20.36
N GLU B 335 -27.64 0.10 -21.18
CA GLU B 335 -27.60 -1.33 -21.42
C GLU B 335 -26.22 -1.73 -21.98
N ARG B 336 -25.74 -0.98 -22.96
CA ARG B 336 -24.48 -1.30 -23.65
C ARG B 336 -23.21 -1.13 -22.82
N LEU B 337 -23.21 -0.15 -21.91
CA LEU B 337 -22.01 0.14 -21.14
C LEU B 337 -21.95 -0.83 -19.97
N ASP B 338 -23.08 -1.48 -19.60
CA ASP B 338 -23.11 -2.37 -18.41
C ASP B 338 -21.97 -3.42 -18.38
N ASN B 339 -21.01 -3.26 -17.45
CA ASN B 339 -19.89 -4.21 -17.27
C ASN B 339 -18.98 -4.37 -18.50
N SER B 340 -18.94 -3.35 -19.36
CA SER B 340 -18.25 -3.42 -20.63
C SER B 340 -16.95 -2.59 -20.67
N ASP B 341 -16.82 -1.57 -19.81
CA ASP B 341 -15.65 -0.64 -19.75
C ASP B 341 -15.26 -0.30 -21.18
N VAL B 342 -16.26 0.13 -21.90
CA VAL B 342 -16.17 0.31 -23.33
C VAL B 342 -15.14 1.39 -23.69
N ARG B 343 -14.48 1.22 -24.84
CA ARG B 343 -13.41 2.13 -25.23
C ARG B 343 -13.91 3.54 -25.61
N TYR B 344 -15.00 3.56 -26.36
CA TYR B 344 -15.66 4.79 -26.78
C TYR B 344 -16.77 5.09 -25.76
N ARG B 345 -16.41 5.88 -24.74
CA ARG B 345 -17.24 6.17 -23.56
C ARG B 345 -18.40 6.92 -24.16
N PHE B 346 -19.61 6.68 -23.65
CA PHE B 346 -20.77 7.36 -24.15
C PHE B 346 -20.85 8.74 -23.54
N VAL B 347 -20.99 9.74 -24.41
CA VAL B 347 -21.09 11.12 -23.99
C VAL B 347 -22.36 11.72 -24.58
N ILE B 348 -23.20 12.25 -23.69
CA ILE B 348 -24.50 12.79 -24.08
C ILE B 348 -24.31 14.24 -24.47
N ASP B 349 -24.78 14.62 -25.65
CA ASP B 349 -24.82 16.03 -26.09
C ASP B 349 -26.08 16.69 -25.55
N ILE B 350 -25.97 17.15 -24.31
CA ILE B 350 -27.09 17.74 -23.60
C ILE B 350 -27.47 19.08 -24.21
N GLY B 351 -26.46 19.90 -24.50
CA GLY B 351 -26.69 21.24 -25.05
C GLY B 351 -27.46 21.27 -26.36
N ASN B 352 -27.15 20.36 -27.27
CA ASN B 352 -27.79 20.32 -28.58
C ASN B 352 -29.06 19.46 -28.65
N THR B 353 -29.18 18.42 -27.80
CA THR B 353 -30.29 17.43 -27.96
C THR B 353 -31.37 17.41 -26.86
N LEU B 354 -31.07 17.89 -25.66
CA LEU B 354 -32.08 17.92 -24.58
C LEU B 354 -33.01 19.12 -24.77
N LYS B 355 -34.33 18.86 -24.79
CA LYS B 355 -35.34 19.91 -25.02
C LYS B 355 -36.55 19.75 -24.10
N SER B 356 -37.36 20.82 -24.01
CA SER B 356 -38.51 20.87 -23.09
C SER B 356 -39.63 19.94 -23.56
ZN ZN C . 21.73 -6.77 -5.24
ZN ZN D . 14.87 -13.41 14.37
P PO4 E . -2.53 -10.76 21.13
O1 PO4 E . -3.24 -10.68 19.74
O2 PO4 E . -0.99 -10.76 20.92
O3 PO4 E . -2.95 -9.51 21.95
O4 PO4 E . -2.91 -12.09 21.88
ZN ZN F . -15.03 16.59 5.50
ZN ZN G . -18.08 8.23 -14.63
P PO4 H . -8.38 -6.56 -21.49
O1 PO4 H . -7.13 -6.31 -22.36
O2 PO4 H . -9.44 -7.37 -22.34
O3 PO4 H . -8.99 -5.18 -21.10
O4 PO4 H . -7.95 -7.39 -20.21
#